data_7T5K
#
_entry.id   7T5K
#
_cell.length_a   104.046
_cell.length_b   169.328
_cell.length_c   129.970
_cell.angle_alpha   90.000
_cell.angle_beta   90.000
_cell.angle_gamma   90.000
#
_symmetry.space_group_name_H-M   'C 2 2 21'
#
loop_
_entity.id
_entity.type
_entity.pdbx_description
1 polymer 'Dihydroorotate dehydrogenase (quinone)'
2 non-polymer 'FLAVIN MONONUCLEOTIDE'
3 non-polymer '2-HEPTYL-4-HYDROXY QUINOLINE N-OXIDE'
4 non-polymer 'OROTIC ACID'
5 water water
#
_entity_poly.entity_id   1
_entity_poly.type   'polypeptide(L)'
_entity_poly.pdbx_seq_one_letter_code
;HHHHHHSSGLVPRGSHMASMTGGQQMGRGSEFMYYPFVRKALFQLDPERAHEFTFQQLRRITGTPFEALVRQKVPAKPVN
CMGLTFKNPLGLAAGLDKDGECIDALGAMGFGSIEIGTVTPRPQPGNDKPRLFRLVDAEGLINRMGFNNLGVDNLVENVK
KAHYDGVLGINIGKNKDTPVEQGKDDYLICMEKIYAYAGYIAINISSPNTPGLRTLQYGEALDDLLTAIKNKQNDLQAMH
HKYVPIAVKIAPDLSEEELIQVADSLVRHNIDGVIATNTTLDRSLVQGMKNCDQTGGLSGRPLQLKSTEIIRRLSLELNG
RLPIIGVGGIDSVIAAREKIAAGASLVQIYSGFIFKGPPLIKEIVTHI
;
_entity_poly.pdbx_strand_id   A,B
#
# COMPACT_ATOMS: atom_id res chain seq x y z
N TYR A 34 18.51 11.72 -11.39
CA TYR A 34 17.68 10.65 -10.78
C TYR A 34 17.45 10.99 -9.31
N TYR A 35 16.19 11.00 -8.87
CA TYR A 35 15.88 11.36 -7.47
C TYR A 35 16.63 10.48 -6.48
N PRO A 36 16.74 9.14 -6.62
CA PRO A 36 17.44 8.35 -5.60
C PRO A 36 18.82 8.93 -5.23
N PHE A 37 19.57 9.45 -6.19
CA PHE A 37 20.86 10.08 -5.86
C PHE A 37 20.60 11.33 -5.02
N VAL A 38 19.70 12.19 -5.49
CA VAL A 38 19.34 13.43 -4.73
C VAL A 38 18.93 13.03 -3.30
N ARG A 39 18.15 11.96 -3.17
CA ARG A 39 17.67 11.59 -1.83
C ARG A 39 18.83 11.21 -0.93
N LYS A 40 19.76 10.39 -1.46
CA LYS A 40 20.89 9.92 -0.66
C LYS A 40 21.71 11.10 -0.12
N ALA A 41 21.85 12.15 -0.93
CA ALA A 41 22.60 13.34 -0.54
C ALA A 41 21.86 14.09 0.56
N LEU A 42 20.59 14.41 0.31
CA LEU A 42 19.81 15.21 1.23
C LEU A 42 19.63 14.49 2.57
N PHE A 43 19.47 13.16 2.52
CA PHE A 43 19.31 12.36 3.73
C PHE A 43 20.59 12.30 4.56
N GLN A 44 21.70 12.84 4.07
CA GLN A 44 22.85 13.08 4.94
C GLN A 44 22.58 14.27 5.87
N LEU A 45 21.60 15.09 5.55
CA LEU A 45 21.17 16.17 6.43
C LEU A 45 19.99 15.70 7.28
N ASP A 46 19.90 16.25 8.49
CA ASP A 46 18.69 16.06 9.28
C ASP A 46 17.50 16.65 8.52
N PRO A 47 16.30 16.11 8.73
CA PRO A 47 15.19 16.40 7.80
C PRO A 47 14.89 17.88 7.70
N GLU A 48 14.94 18.61 8.82
CA GLU A 48 14.62 20.02 8.75
C GLU A 48 15.67 20.79 7.95
N ARG A 49 16.95 20.40 8.07
CA ARG A 49 17.99 21.08 7.30
C ARG A 49 17.91 20.69 5.83
N ALA A 50 17.67 19.42 5.53
CA ALA A 50 17.49 19.03 4.14
C ALA A 50 16.42 19.92 3.50
N HIS A 51 15.32 20.12 4.23
CA HIS A 51 14.19 20.87 3.69
C HIS A 51 14.55 22.31 3.41
N GLU A 52 15.17 22.98 4.37
CA GLU A 52 15.46 24.38 4.14
C GLU A 52 16.60 24.59 3.17
N PHE A 53 17.57 23.65 3.12
CA PHE A 53 18.55 23.70 2.05
C PHE A 53 17.90 23.56 0.67
N THR A 54 16.96 22.63 0.54
CA THR A 54 16.26 22.44 -0.71
C THR A 54 15.48 23.69 -1.10
N PHE A 55 14.81 24.33 -0.13
CA PHE A 55 13.94 25.47 -0.41
C PHE A 55 14.70 26.74 -0.69
N GLN A 56 15.87 26.93 -0.06
CA GLN A 56 16.80 27.96 -0.51
C GLN A 56 17.09 27.82 -2.00
N GLN A 57 17.44 26.61 -2.45
CA GLN A 57 17.79 26.45 -3.86
C GLN A 57 16.58 26.69 -4.75
N LEU A 58 15.39 26.28 -4.30
CA LEU A 58 14.16 26.51 -5.06
C LEU A 58 13.86 27.99 -5.19
N ARG A 59 13.94 28.72 -4.08
CA ARG A 59 13.69 30.18 -4.13
C ARG A 59 14.70 30.84 -5.06
N ARG A 60 15.92 30.28 -5.16
CA ARG A 60 16.99 30.93 -5.94
C ARG A 60 16.83 30.64 -7.44
N ILE A 61 16.38 29.45 -7.80
CA ILE A 61 16.28 29.07 -9.25
C ILE A 61 14.96 29.58 -9.81
N THR A 62 14.09 30.16 -8.97
CA THR A 62 12.76 30.63 -9.43
C THR A 62 12.96 31.82 -10.37
N GLY A 63 12.36 31.77 -11.56
CA GLY A 63 12.43 32.91 -12.48
C GLY A 63 13.78 33.01 -13.14
N THR A 64 14.51 31.90 -13.23
CA THR A 64 15.82 31.89 -13.89
C THR A 64 15.75 30.71 -14.87
N PRO A 65 16.63 30.59 -15.87
CA PRO A 65 16.62 29.40 -16.74
C PRO A 65 17.01 28.13 -15.98
N PHE A 66 17.34 28.27 -14.70
CA PHE A 66 17.69 27.09 -13.86
C PHE A 66 16.41 26.47 -13.32
N GLU A 67 15.27 27.16 -13.48
CA GLU A 67 13.95 26.62 -13.04
C GLU A 67 13.60 25.37 -13.84
N ALA A 68 14.32 25.09 -14.92
CA ALA A 68 13.97 23.94 -15.78
C ALA A 68 14.45 22.64 -15.17
N LEU A 69 15.37 22.71 -14.19
CA LEU A 69 15.80 21.47 -13.51
C LEU A 69 14.65 20.97 -12.64
N VAL A 70 13.73 21.86 -12.26
CA VAL A 70 12.54 21.45 -11.45
C VAL A 70 11.36 21.19 -12.40
N ARG A 71 11.34 21.85 -13.55
CA ARG A 71 10.17 21.73 -14.46
C ARG A 71 9.97 20.30 -14.94
N GLN A 72 8.74 19.82 -14.85
CA GLN A 72 8.39 18.46 -15.33
C GLN A 72 7.09 18.62 -16.13
N LYS A 73 7.12 18.28 -17.40
CA LYS A 73 5.87 18.34 -18.20
C LYS A 73 4.98 17.18 -17.77
N VAL A 74 3.75 17.47 -17.37
CA VAL A 74 2.80 16.40 -16.95
C VAL A 74 1.57 16.40 -17.87
N PRO A 75 0.89 15.26 -18.19
CA PRO A 75 -0.33 15.33 -18.97
C PRO A 75 -1.46 16.10 -18.27
N ALA A 76 -2.26 16.82 -19.05
CA ALA A 76 -3.41 17.54 -18.47
C ALA A 76 -4.51 16.53 -18.12
N LYS A 77 -5.03 16.59 -16.90
CA LYS A 77 -6.14 15.70 -16.50
C LYS A 77 -7.12 16.58 -15.76
N PRO A 78 -7.83 17.53 -16.42
CA PRO A 78 -8.67 18.49 -15.72
C PRO A 78 -9.81 17.86 -14.91
N VAL A 79 -10.06 18.40 -13.72
CA VAL A 79 -11.06 17.84 -12.82
C VAL A 79 -11.71 19.02 -12.15
N ASN A 80 -13.03 19.00 -12.09
CA ASN A 80 -13.76 20.04 -11.42
C ASN A 80 -14.13 19.56 -10.03
N CYS A 81 -13.96 20.42 -9.03
CA CYS A 81 -14.18 20.00 -7.65
C CYS A 81 -14.33 21.23 -6.77
N MET A 82 -15.36 21.25 -5.92
CA MET A 82 -15.71 22.44 -5.16
C MET A 82 -15.90 23.67 -6.06
N GLY A 83 -16.37 23.48 -7.30
CA GLY A 83 -16.60 24.64 -8.14
C GLY A 83 -15.37 25.25 -8.74
N LEU A 84 -14.22 24.61 -8.53
CA LEU A 84 -12.96 24.99 -9.16
C LEU A 84 -12.60 23.95 -10.20
N THR A 85 -11.81 24.39 -11.16
CA THR A 85 -11.19 23.48 -12.12
C THR A 85 -9.73 23.30 -11.74
N PHE A 86 -9.35 22.05 -11.49
CA PHE A 86 -7.98 21.69 -11.11
C PHE A 86 -7.25 21.22 -12.36
N LYS A 87 -6.02 21.70 -12.53
CA LYS A 87 -5.16 21.27 -13.64
C LYS A 87 -5.15 19.75 -13.79
N ASN A 88 -5.03 19.06 -12.67
CA ASN A 88 -5.03 17.60 -12.59
C ASN A 88 -5.41 17.24 -11.18
N PRO A 89 -5.68 15.95 -10.91
CA PRO A 89 -6.22 15.57 -9.60
C PRO A 89 -5.21 15.63 -8.44
N LEU A 90 -3.92 15.86 -8.68
CA LEU A 90 -2.86 15.67 -7.67
C LEU A 90 -2.38 17.01 -7.11
N GLY A 91 -2.54 17.18 -5.80
CA GLY A 91 -2.05 18.39 -5.16
C GLY A 91 -0.92 18.14 -4.17
N LEU A 92 -0.24 19.20 -3.82
CA LEU A 92 0.79 19.13 -2.79
C LEU A 92 0.10 19.38 -1.45
N ALA A 93 0.15 18.41 -0.55
CA ALA A 93 -0.46 18.67 0.75
C ALA A 93 0.25 19.82 1.48
N ALA A 94 -0.52 20.45 2.37
CA ALA A 94 -0.04 21.47 3.29
C ALA A 94 1.14 20.98 4.15
N GLY A 95 2.00 21.92 4.52
CA GLY A 95 3.06 21.68 5.49
C GLY A 95 4.45 21.71 4.88
N LEU A 96 4.55 21.50 3.56
CA LEU A 96 5.82 21.62 2.86
C LEU A 96 6.19 23.08 2.62
N ASP A 97 5.23 23.87 2.19
CA ASP A 97 5.46 25.32 1.99
C ASP A 97 4.51 26.08 2.92
N LYS A 98 4.90 26.23 4.18
CA LYS A 98 3.99 26.84 5.18
C LYS A 98 3.85 28.34 4.95
N ASP A 99 4.86 28.95 4.34
CA ASP A 99 4.84 30.43 4.19
C ASP A 99 4.56 30.82 2.74
N GLY A 100 4.34 29.84 1.86
CA GLY A 100 4.11 30.18 0.46
C GLY A 100 5.31 30.78 -0.25
N GLU A 101 6.50 30.20 -0.11
CA GLU A 101 7.74 30.80 -0.60
C GLU A 101 8.19 30.25 -1.95
N CYS A 102 7.77 29.05 -2.30
CA CYS A 102 8.21 28.37 -3.51
C CYS A 102 7.01 27.95 -4.33
N ILE A 103 5.96 28.77 -4.36
CA ILE A 103 4.79 28.37 -5.12
C ILE A 103 5.18 28.09 -6.57
N ASP A 104 5.95 29.01 -7.17
CA ASP A 104 6.30 28.87 -8.57
C ASP A 104 7.13 27.62 -8.84
N ALA A 105 8.20 27.41 -8.06
CA ALA A 105 9.07 26.28 -8.35
C ALA A 105 8.33 24.95 -8.17
N LEU A 106 7.46 24.87 -7.15
CA LEU A 106 6.73 23.64 -6.88
C LEU A 106 5.62 23.43 -7.90
N GLY A 107 4.96 24.52 -8.31
CA GLY A 107 4.02 24.43 -9.42
C GLY A 107 4.68 23.92 -10.68
N ALA A 108 5.87 24.43 -10.99
CA ALA A 108 6.55 23.98 -12.20
C ALA A 108 6.72 22.46 -12.23
N MET A 109 6.55 21.79 -11.08
CA MET A 109 6.85 20.37 -11.00
C MET A 109 5.68 19.50 -11.46
N GLY A 110 4.52 20.10 -11.72
CA GLY A 110 3.42 19.36 -12.30
C GLY A 110 2.21 19.19 -11.40
N PHE A 111 2.24 19.70 -10.17
CA PHE A 111 1.06 19.65 -9.31
C PHE A 111 -0.10 20.38 -9.96
N GLY A 112 -1.29 19.78 -9.89
CA GLY A 112 -2.49 20.46 -10.33
C GLY A 112 -3.06 21.44 -9.33
N SER A 113 -2.62 21.35 -8.07
CA SER A 113 -2.91 22.34 -7.06
C SER A 113 -1.82 22.27 -6.01
N ILE A 114 -1.65 23.37 -5.29
CA ILE A 114 -0.66 23.50 -4.24
C ILE A 114 -1.34 24.09 -3.01
N GLU A 115 -1.23 23.42 -1.88
CA GLU A 115 -1.79 23.92 -0.63
C GLU A 115 -0.66 24.45 0.23
N ILE A 116 -0.67 25.76 0.50
CA ILE A 116 0.30 26.39 1.38
C ILE A 116 -0.29 26.54 2.78
N GLY A 117 0.57 26.81 3.75
CA GLY A 117 0.19 26.72 5.18
C GLY A 117 0.69 25.41 5.75
N THR A 118 0.30 25.13 7.00
CA THR A 118 -0.56 26.03 7.75
C THR A 118 -0.02 27.30 8.23
N VAL A 119 -0.83 28.34 8.13
CA VAL A 119 -0.43 29.65 8.58
C VAL A 119 -1.42 30.06 9.68
N THR A 120 -0.91 30.81 10.65
CA THR A 120 -1.66 31.31 11.78
C THR A 120 -1.72 32.83 11.72
N PRO A 121 -2.63 33.47 12.48
CA PRO A 121 -2.74 34.94 12.38
C PRO A 121 -1.43 35.67 12.67
N ARG A 122 -0.83 35.39 13.77
CA ARG A 122 0.44 35.94 14.21
C ARG A 122 1.55 34.92 13.96
N PRO A 123 2.77 35.36 13.68
CA PRO A 123 3.88 34.41 13.56
C PRO A 123 4.13 33.69 14.88
N GLN A 124 4.73 32.51 14.78
CA GLN A 124 5.09 31.74 15.97
C GLN A 124 6.14 30.72 15.58
N PRO A 125 7.04 30.36 16.50
CA PRO A 125 8.18 29.52 16.12
C PRO A 125 7.88 28.02 16.05
N GLY A 126 6.73 27.55 16.56
CA GLY A 126 6.52 26.12 16.64
C GLY A 126 7.24 25.51 17.82
N ASN A 127 7.31 24.19 17.84
CA ASN A 127 7.90 23.49 18.98
C ASN A 127 9.42 23.44 18.87
N ASP A 128 10.04 22.87 19.90
CA ASP A 128 11.49 22.84 19.99
C ASP A 128 12.08 21.85 19.01
N LYS A 129 13.20 22.22 18.40
CA LYS A 129 13.95 21.25 17.63
C LYS A 129 14.72 20.32 18.57
N PRO A 130 14.88 19.03 18.23
CA PRO A 130 14.41 18.33 17.03
C PRO A 130 12.89 18.03 17.10
N ARG A 131 12.20 18.33 16.00
CA ARG A 131 10.75 18.16 15.91
C ARG A 131 10.32 17.49 14.61
N LEU A 132 11.24 16.89 13.87
CA LEU A 132 10.92 16.29 12.58
C LEU A 132 11.85 15.10 12.42
N PHE A 133 11.31 13.96 12.03
CA PHE A 133 12.12 12.74 12.04
C PHE A 133 11.77 11.88 10.84
N ARG A 134 12.78 11.21 10.31
CA ARG A 134 12.63 10.32 9.18
C ARG A 134 12.55 8.88 9.66
N LEU A 135 11.66 8.10 9.06
CA LEU A 135 11.63 6.65 9.28
C LEU A 135 11.89 5.99 7.93
N VAL A 136 13.17 5.77 7.61
CA VAL A 136 13.53 5.54 6.21
C VAL A 136 13.03 4.19 5.70
N ASP A 137 13.12 3.13 6.51
CA ASP A 137 12.69 1.81 6.02
C ASP A 137 11.18 1.71 5.90
N ALA A 138 10.45 2.55 6.60
CA ALA A 138 9.01 2.61 6.53
C ALA A 138 8.53 3.65 5.53
N GLU A 139 9.44 4.46 4.97
CA GLU A 139 9.06 5.62 4.18
C GLU A 139 7.93 6.38 4.87
N GLY A 140 8.16 6.65 6.17
CA GLY A 140 7.27 7.47 6.95
C GLY A 140 8.04 8.65 7.51
N LEU A 141 7.29 9.62 8.05
CA LEU A 141 7.83 10.75 8.79
C LEU A 141 7.06 10.91 10.09
N ILE A 142 7.72 11.45 11.11
CA ILE A 142 7.04 11.92 12.31
C ILE A 142 7.38 13.39 12.48
N ASN A 143 6.37 14.21 12.72
CA ASN A 143 6.62 15.62 12.93
C ASN A 143 5.79 16.14 14.09
N ARG A 144 6.38 17.07 14.81
CA ARG A 144 5.66 17.85 15.81
C ARG A 144 6.00 19.31 15.60
N MET A 145 5.87 19.76 14.34
CA MET A 145 6.22 21.12 13.99
C MET A 145 5.52 22.12 14.91
N GLY A 146 4.21 22.00 15.05
CA GLY A 146 3.44 22.96 15.83
C GLY A 146 3.19 24.30 15.15
N PHE A 147 2.88 24.28 13.84
CA PHE A 147 2.55 25.49 13.10
C PHE A 147 3.65 26.54 13.23
N ASN A 148 4.90 26.14 13.00
CA ASN A 148 5.97 27.11 12.80
C ASN A 148 5.72 27.88 11.50
N ASN A 149 5.46 29.18 11.59
CA ASN A 149 5.18 29.95 10.38
C ASN A 149 5.39 31.44 10.66
N LEU A 150 5.52 32.19 9.57
CA LEU A 150 5.80 33.62 9.59
C LEU A 150 4.56 34.51 9.71
N GLY A 151 3.37 33.94 9.78
CA GLY A 151 2.14 34.69 9.94
C GLY A 151 1.39 34.89 8.62
N VAL A 152 0.08 35.14 8.74
CA VAL A 152 -0.76 35.22 7.55
C VAL A 152 -0.42 36.43 6.68
N ASP A 153 -0.04 37.56 7.29
CA ASP A 153 0.26 38.73 6.48
C ASP A 153 1.41 38.46 5.53
N ASN A 154 2.43 37.74 6.02
CA ASN A 154 3.59 37.44 5.20
C ASN A 154 3.25 36.47 4.08
N LEU A 155 2.46 35.43 4.38
CA LEU A 155 2.07 34.50 3.32
C LEU A 155 1.33 35.24 2.21
N VAL A 156 0.48 36.21 2.58
CA VAL A 156 -0.28 36.96 1.58
C VAL A 156 0.67 37.72 0.66
N GLU A 157 1.70 38.36 1.23
CA GLU A 157 2.69 39.06 0.40
C GLU A 157 3.39 38.08 -0.54
N ASN A 158 3.66 36.86 -0.07
CA ASN A 158 4.30 35.88 -0.94
C ASN A 158 3.36 35.45 -2.06
N VAL A 159 2.07 35.23 -1.73
CA VAL A 159 1.12 34.82 -2.76
C VAL A 159 1.03 35.88 -3.86
N LYS A 160 1.06 37.16 -3.47
CA LYS A 160 0.96 38.23 -4.47
C LYS A 160 2.09 38.16 -5.49
N LYS A 161 3.24 37.61 -5.11
CA LYS A 161 4.40 37.55 -6.00
C LYS A 161 4.46 36.26 -6.81
N ALA A 162 3.52 35.33 -6.62
CA ALA A 162 3.54 34.07 -7.33
C ALA A 162 2.84 34.17 -8.68
N HIS A 163 3.18 33.24 -9.57
CA HIS A 163 2.65 33.19 -10.94
C HIS A 163 2.02 31.86 -11.27
N TYR A 164 2.01 30.91 -10.34
CA TYR A 164 1.31 29.65 -10.50
C TYR A 164 -0.09 29.84 -11.05
N ASP A 165 -0.46 28.91 -11.93
CA ASP A 165 -1.72 28.92 -12.65
C ASP A 165 -2.62 27.76 -12.26
N GLY A 166 -2.21 26.92 -11.33
CA GLY A 166 -3.07 25.89 -10.78
C GLY A 166 -3.93 26.46 -9.66
N VAL A 167 -4.60 25.56 -8.96
CA VAL A 167 -5.40 25.91 -7.80
C VAL A 167 -4.49 26.11 -6.60
N LEU A 168 -4.55 27.30 -5.97
CA LEU A 168 -3.85 27.56 -4.72
C LEU A 168 -4.78 27.31 -3.54
N GLY A 169 -4.46 26.33 -2.71
CA GLY A 169 -5.10 26.18 -1.41
C GLY A 169 -4.30 26.93 -0.35
N ILE A 170 -5.00 27.53 0.60
CA ILE A 170 -4.36 28.26 1.70
C ILE A 170 -4.91 27.70 2.99
N ASN A 171 -4.05 27.07 3.75
CA ASN A 171 -4.40 26.29 4.94
C ASN A 171 -4.11 27.15 6.18
N ILE A 172 -5.11 27.35 7.04
CA ILE A 172 -4.99 28.25 8.19
C ILE A 172 -5.23 27.50 9.51
N GLY A 173 -4.70 28.05 10.60
CA GLY A 173 -4.83 27.40 11.89
C GLY A 173 -4.81 28.38 13.05
N LYS A 174 -4.87 27.83 14.25
CA LYS A 174 -4.92 28.60 15.49
C LYS A 174 -3.52 28.83 16.04
N ASN A 175 -3.22 30.08 16.42
CA ASN A 175 -1.99 30.37 17.16
C ASN A 175 -1.97 29.54 18.46
N LYS A 176 -0.77 29.22 18.94
CA LYS A 176 -0.71 28.36 20.11
C LYS A 176 -1.39 29.00 21.32
N ASP A 177 -1.15 30.29 21.53
CA ASP A 177 -1.58 30.98 22.75
C ASP A 177 -3.09 31.20 22.79
N THR A 178 -3.73 31.36 21.63
CA THR A 178 -5.17 31.54 21.55
C THR A 178 -5.91 30.39 22.26
N PRO A 179 -6.85 30.69 23.16
CA PRO A 179 -7.54 29.61 23.88
C PRO A 179 -8.38 28.76 22.95
N VAL A 180 -8.44 27.46 23.25
CA VAL A 180 -9.08 26.51 22.36
C VAL A 180 -10.52 26.91 22.09
N GLU A 181 -11.24 27.30 23.14
CA GLU A 181 -12.64 27.71 23.00
C GLU A 181 -12.81 28.92 22.10
N GLN A 182 -11.80 29.76 21.95
CA GLN A 182 -11.92 30.88 21.03
C GLN A 182 -11.14 30.66 19.75
N GLY A 183 -10.74 29.41 19.47
CA GLY A 183 -10.00 29.13 18.25
C GLY A 183 -10.59 29.73 17.00
N LYS A 184 -11.92 29.84 16.92
CA LYS A 184 -12.56 30.36 15.72
C LYS A 184 -12.11 31.77 15.40
N ASP A 185 -11.80 32.60 16.41
CA ASP A 185 -11.36 33.96 16.11
C ASP A 185 -10.19 33.94 15.16
N ASP A 186 -9.25 33.02 15.38
CA ASP A 186 -8.03 32.98 14.58
C ASP A 186 -8.33 32.57 13.15
N TYR A 187 -9.21 31.59 12.98
CA TYR A 187 -9.57 31.14 11.60
C TYR A 187 -10.23 32.29 10.85
N LEU A 188 -11.03 33.11 11.55
CA LEU A 188 -11.78 34.19 10.87
C LEU A 188 -10.84 35.32 10.48
N ILE A 189 -9.88 35.66 11.35
CA ILE A 189 -8.89 36.73 11.03
C ILE A 189 -8.16 36.33 9.74
N CYS A 190 -7.70 35.08 9.68
CA CYS A 190 -6.97 34.66 8.48
C CYS A 190 -7.87 34.69 7.26
N MET A 191 -9.10 34.20 7.40
CA MET A 191 -10.02 34.12 6.24
C MET A 191 -10.15 35.50 5.59
N GLU A 192 -10.18 36.55 6.39
CA GLU A 192 -10.39 37.92 5.83
C GLU A 192 -9.16 38.36 5.06
N LYS A 193 -7.97 38.04 5.57
CA LYS A 193 -6.72 38.52 4.94
C LYS A 193 -6.40 37.72 3.68
N ILE A 194 -6.96 36.53 3.53
CA ILE A 194 -6.57 35.67 2.42
C ILE A 194 -7.68 35.47 1.40
N TYR A 195 -8.92 35.88 1.72
CA TYR A 195 -10.06 35.58 0.86
C TYR A 195 -9.84 36.12 -0.55
N ALA A 196 -9.37 37.35 -0.67
CA ALA A 196 -9.08 37.90 -1.99
C ALA A 196 -8.03 37.10 -2.76
N TYR A 197 -7.26 36.24 -2.10
CA TYR A 197 -6.11 35.62 -2.77
C TYR A 197 -6.18 34.11 -2.90
N ALA A 198 -7.09 33.44 -2.23
CA ALA A 198 -7.08 31.98 -2.18
C ALA A 198 -7.96 31.40 -3.28
N GLY A 199 -7.54 30.26 -3.82
CA GLY A 199 -8.44 29.46 -4.63
C GLY A 199 -9.43 28.68 -3.78
N TYR A 200 -8.94 28.05 -2.71
CA TYR A 200 -9.78 27.55 -1.64
C TYR A 200 -9.07 27.75 -0.31
N ILE A 201 -9.82 27.65 0.77
CA ILE A 201 -9.34 27.81 2.13
C ILE A 201 -9.47 26.47 2.84
N ALA A 202 -8.41 26.06 3.51
CA ALA A 202 -8.38 24.80 4.25
C ALA A 202 -8.28 25.11 5.74
N ILE A 203 -9.25 24.58 6.49
CA ILE A 203 -9.33 24.83 7.96
C ILE A 203 -8.69 23.63 8.64
N ASN A 204 -7.61 23.88 9.34
CA ASN A 204 -6.85 22.77 9.97
C ASN A 204 -7.26 22.61 11.43
N ILE A 205 -8.00 21.55 11.74
CA ILE A 205 -8.37 21.25 13.15
C ILE A 205 -7.89 19.83 13.45
N SER A 206 -6.83 19.39 12.78
CA SER A 206 -6.38 17.98 12.91
C SER A 206 -4.90 17.85 13.27
N SER A 207 -4.17 18.95 13.41
CA SER A 207 -2.79 18.82 13.86
C SER A 207 -2.77 18.22 15.28
N PRO A 208 -1.94 17.21 15.55
CA PRO A 208 -1.80 16.72 16.92
C PRO A 208 -0.84 17.56 17.74
N ASN A 209 -0.29 18.63 17.15
CA ASN A 209 0.85 19.35 17.70
C ASN A 209 0.52 20.72 18.26
N THR A 210 -0.75 21.10 18.27
CA THR A 210 -1.17 22.26 19.04
C THR A 210 -2.16 21.78 20.09
N PRO A 211 -1.90 22.01 21.38
CA PRO A 211 -2.72 21.37 22.42
C PRO A 211 -4.21 21.62 22.22
N GLY A 212 -4.98 20.54 22.25
CA GLY A 212 -6.43 20.64 22.20
C GLY A 212 -7.03 20.98 20.86
N LEU A 213 -6.21 21.33 19.85
CA LEU A 213 -6.74 21.69 18.54
C LEU A 213 -7.72 20.64 18.04
N ARG A 214 -7.43 19.35 18.26
CA ARG A 214 -8.28 18.30 17.69
C ARG A 214 -9.66 18.24 18.33
N THR A 215 -9.84 18.85 19.51
CA THR A 215 -11.17 18.93 20.10
C THR A 215 -12.11 19.80 19.29
N LEU A 216 -11.57 20.69 18.45
CA LEU A 216 -12.44 21.50 17.61
C LEU A 216 -13.14 20.69 16.53
N GLN A 217 -12.91 19.39 16.43
CA GLN A 217 -13.68 18.62 15.47
C GLN A 217 -14.77 17.81 16.16
N TYR A 218 -14.94 17.99 17.47
CA TYR A 218 -15.91 17.26 18.26
C TYR A 218 -17.14 18.13 18.51
N GLY A 219 -18.32 17.50 18.46
CA GLY A 219 -19.55 18.03 19.01
C GLY A 219 -19.87 19.50 18.79
N GLU A 220 -20.04 20.22 19.89
CA GLU A 220 -20.50 21.60 19.83
C GLU A 220 -19.41 22.53 19.37
N ALA A 221 -18.18 22.29 19.80
CA ALA A 221 -17.04 23.04 19.27
C ALA A 221 -17.07 23.09 17.74
N LEU A 222 -17.14 21.93 17.08
CA LEU A 222 -17.16 21.92 15.62
C LEU A 222 -18.35 22.71 15.09
N ASP A 223 -19.56 22.41 15.60
CA ASP A 223 -20.75 23.13 15.19
C ASP A 223 -20.55 24.63 15.32
N ASP A 224 -20.01 25.09 16.46
CA ASP A 224 -19.73 26.51 16.63
C ASP A 224 -18.70 27.00 15.60
N LEU A 225 -17.55 26.32 15.50
CA LEU A 225 -16.54 26.74 14.54
C LEU A 225 -17.12 26.84 13.14
N LEU A 226 -17.83 25.80 12.70
CA LEU A 226 -18.32 25.76 11.33
C LEU A 226 -19.31 26.89 11.06
N THR A 227 -20.14 27.21 12.05
CA THR A 227 -21.09 28.31 11.89
C THR A 227 -20.36 29.63 11.72
N ALA A 228 -19.41 29.93 12.62
CA ALA A 228 -18.69 31.20 12.50
C ALA A 228 -17.97 31.29 11.15
N ILE A 229 -17.44 30.17 10.67
CA ILE A 229 -16.66 30.17 9.44
C ILE A 229 -17.56 30.43 8.23
N LYS A 230 -18.70 29.74 8.18
CA LYS A 230 -19.64 29.92 7.09
C LYS A 230 -20.21 31.34 7.07
N ASN A 231 -20.45 31.91 8.25
CA ASN A 231 -20.93 33.29 8.28
C ASN A 231 -19.87 34.26 7.79
N LYS A 232 -18.61 34.04 8.18
CA LYS A 232 -17.53 34.85 7.61
C LYS A 232 -17.45 34.65 6.10
N GLN A 233 -17.55 33.41 5.64
CA GLN A 233 -17.55 33.17 4.20
C GLN A 233 -18.64 33.99 3.54
N ASN A 234 -19.84 33.96 4.12
CA ASN A 234 -20.98 34.66 3.56
C ASN A 234 -20.74 36.17 3.53
N ASP A 235 -20.34 36.74 4.68
CA ASP A 235 -19.96 38.15 4.71
C ASP A 235 -18.90 38.44 3.65
N LEU A 236 -17.89 37.57 3.52
CA LEU A 236 -16.76 37.90 2.66
C LEU A 236 -17.10 37.79 1.18
N GLN A 237 -17.97 36.84 0.81
CA GLN A 237 -18.50 36.80 -0.55
C GLN A 237 -19.19 38.11 -0.92
N ALA A 238 -20.00 38.66 0.00
CA ALA A 238 -20.69 39.91 -0.24
C ALA A 238 -19.71 41.08 -0.41
N MET A 239 -18.62 41.09 0.37
CA MET A 239 -17.61 42.14 0.29
C MET A 239 -16.78 42.04 -0.99
N HIS A 240 -16.33 40.83 -1.35
CA HIS A 240 -15.40 40.62 -2.46
C HIS A 240 -16.09 40.16 -3.74
N HIS A 241 -17.37 39.78 -3.68
CA HIS A 241 -18.14 39.43 -4.89
C HIS A 241 -17.56 38.20 -5.57
N LYS A 242 -17.32 37.16 -4.77
CA LYS A 242 -16.89 35.86 -5.27
C LYS A 242 -17.00 34.84 -4.14
N TYR A 243 -17.27 33.60 -4.52
CA TYR A 243 -17.37 32.50 -3.57
C TYR A 243 -16.06 31.70 -3.61
N VAL A 244 -15.36 31.67 -2.48
CA VAL A 244 -14.15 30.90 -2.28
C VAL A 244 -14.52 29.73 -1.37
N PRO A 245 -14.46 28.49 -1.86
CA PRO A 245 -14.89 27.34 -1.05
C PRO A 245 -13.97 27.08 0.14
N ILE A 246 -14.53 26.44 1.17
CA ILE A 246 -13.85 26.10 2.43
C ILE A 246 -13.83 24.60 2.59
N ALA A 247 -12.64 24.03 2.82
CA ALA A 247 -12.52 22.60 3.11
C ALA A 247 -11.94 22.43 4.52
N VAL A 248 -12.48 21.48 5.27
CA VAL A 248 -12.04 21.23 6.64
C VAL A 248 -11.18 19.98 6.64
N LYS A 249 -9.96 20.11 7.18
CA LYS A 249 -9.01 18.98 7.25
C LYS A 249 -9.21 18.21 8.56
N ILE A 250 -9.51 16.93 8.46
CA ILE A 250 -9.83 16.11 9.66
C ILE A 250 -8.69 15.14 9.96
N ALA A 251 -8.83 14.36 11.02
CA ALA A 251 -7.75 13.47 11.46
C ALA A 251 -8.09 12.01 11.17
N PRO A 252 -7.09 11.12 11.08
CA PRO A 252 -7.36 9.70 10.89
C PRO A 252 -7.62 8.99 12.21
N ASP A 253 -7.52 9.70 13.32
CA ASP A 253 -7.63 9.04 14.65
C ASP A 253 -9.07 9.15 15.16
N LEU A 254 -9.96 9.67 14.33
CA LEU A 254 -11.38 9.79 14.70
C LEU A 254 -12.02 8.39 14.75
N SER A 255 -12.98 8.19 15.64
CA SER A 255 -13.73 6.92 15.74
C SER A 255 -14.82 6.91 14.68
N GLU A 256 -15.50 5.78 14.50
CA GLU A 256 -16.61 5.70 13.53
C GLU A 256 -17.69 6.71 13.92
N GLU A 257 -18.10 6.69 15.18
CA GLU A 257 -19.14 7.62 15.68
C GLU A 257 -18.69 9.06 15.44
N GLU A 258 -17.44 9.37 15.77
CA GLU A 258 -16.92 10.74 15.61
C GLU A 258 -16.93 11.13 14.13
N LEU A 259 -16.61 10.20 13.25
CA LEU A 259 -16.55 10.50 11.79
C LEU A 259 -17.97 10.75 11.29
N ILE A 260 -18.93 9.98 11.79
CA ILE A 260 -20.36 10.16 11.39
C ILE A 260 -20.80 11.56 11.80
N GLN A 261 -20.45 11.98 13.01
CA GLN A 261 -20.86 13.31 13.50
C GLN A 261 -20.18 14.41 12.68
N VAL A 262 -18.90 14.25 12.36
CA VAL A 262 -18.13 15.27 11.58
C VAL A 262 -18.79 15.43 10.21
N ALA A 263 -19.10 14.31 9.56
CA ALA A 263 -19.74 14.35 8.24
C ALA A 263 -21.09 15.07 8.33
N ASP A 264 -21.90 14.71 9.32
CA ASP A 264 -23.24 15.32 9.48
C ASP A 264 -23.08 16.83 9.66
N SER A 265 -22.11 17.25 10.46
CA SER A 265 -21.93 18.70 10.74
C SER A 265 -21.46 19.41 9.47
N LEU A 266 -20.58 18.77 8.71
CA LEU A 266 -20.04 19.39 7.48
C LEU A 266 -21.15 19.54 6.45
N VAL A 267 -22.11 18.62 6.44
CA VAL A 267 -23.26 18.68 5.49
C VAL A 267 -24.27 19.72 5.98
N ARG A 268 -24.56 19.75 7.28
CA ARG A 268 -25.56 20.68 7.84
C ARG A 268 -25.06 22.11 7.72
N HIS A 269 -23.74 22.31 7.74
CA HIS A 269 -23.17 23.68 7.69
C HIS A 269 -22.80 24.03 6.26
N ASN A 270 -23.03 23.11 5.32
CA ASN A 270 -22.76 23.37 3.87
C ASN A 270 -21.28 23.68 3.64
N ILE A 271 -20.39 22.92 4.27
CA ILE A 271 -18.93 23.09 4.02
C ILE A 271 -18.63 22.54 2.63
N ASP A 272 -17.78 23.22 1.87
CA ASP A 272 -17.54 22.84 0.46
C ASP A 272 -16.68 21.60 0.29
N GLY A 273 -15.92 21.19 1.31
CA GLY A 273 -15.16 19.95 1.12
C GLY A 273 -14.54 19.43 2.38
N VAL A 274 -14.07 18.19 2.35
CA VAL A 274 -13.35 17.60 3.52
C VAL A 274 -11.99 17.10 3.04
N ILE A 275 -10.94 17.46 3.75
CA ILE A 275 -9.58 16.93 3.45
C ILE A 275 -9.30 15.82 4.45
N ALA A 276 -9.34 14.58 3.99
CA ALA A 276 -9.02 13.44 4.87
C ALA A 276 -7.82 12.73 4.28
N THR A 277 -6.67 12.83 4.93
CA THR A 277 -6.58 12.80 6.41
C THR A 277 -5.21 13.34 6.81
N ASN A 278 -5.09 13.89 8.02
CA ASN A 278 -3.81 14.44 8.54
C ASN A 278 -2.93 13.32 9.10
N THR A 279 -2.06 13.66 10.05
CA THR A 279 -1.10 12.66 10.61
C THR A 279 -1.75 11.79 11.67
N THR A 280 -1.08 10.72 12.08
CA THR A 280 -1.70 9.76 13.01
C THR A 280 -0.90 9.67 14.31
N LEU A 281 -1.57 9.35 15.41
CA LEU A 281 -0.86 9.15 16.68
C LEU A 281 -0.49 7.67 16.75
N ASP A 282 -0.98 6.90 15.77
CA ASP A 282 -0.74 5.43 15.74
C ASP A 282 0.73 5.14 15.46
N ARG A 283 1.26 4.07 16.04
CA ARG A 283 2.66 3.64 15.82
C ARG A 283 2.63 2.13 15.64
N SER A 284 1.46 1.58 15.37
CA SER A 284 1.29 0.11 15.25
C SER A 284 2.15 -0.50 14.15
N LEU A 285 2.49 0.24 13.11
CA LEU A 285 3.22 -0.36 11.97
C LEU A 285 4.70 0.05 12.00
N VAL A 286 5.13 0.83 12.99
CA VAL A 286 6.52 1.37 13.01
C VAL A 286 7.25 0.91 14.28
N GLN A 287 6.71 -0.07 14.99
CA GLN A 287 7.34 -0.57 16.25
C GLN A 287 8.72 -1.16 15.95
N GLY A 288 9.70 -0.85 16.79
CA GLY A 288 11.05 -1.42 16.63
C GLY A 288 11.89 -0.62 15.66
N MET A 289 11.32 0.46 15.14
CA MET A 289 12.05 1.27 14.15
C MET A 289 12.53 2.55 14.83
N LYS A 290 13.64 3.10 14.33
CA LYS A 290 14.23 4.31 14.94
C LYS A 290 13.24 5.47 14.87
N ASN A 291 13.19 6.31 15.91
CA ASN A 291 12.32 7.52 15.94
C ASN A 291 10.85 7.13 16.11
N CYS A 292 10.55 5.87 16.45
CA CYS A 292 9.14 5.42 16.51
C CYS A 292 8.45 5.91 17.78
N ASP A 293 9.23 6.24 18.82
CA ASP A 293 8.66 6.70 20.10
C ASP A 293 8.63 8.22 20.09
N GLN A 294 9.18 8.82 19.05
CA GLN A 294 9.15 10.30 18.93
C GLN A 294 7.71 10.78 18.89
N THR A 295 7.37 11.77 19.72
CA THR A 295 6.00 12.32 19.79
C THR A 295 5.67 13.12 18.53
N GLY A 296 4.42 13.08 18.09
CA GLY A 296 3.98 13.84 16.92
C GLY A 296 3.05 13.03 16.05
N GLY A 297 2.96 13.39 14.78
CA GLY A 297 2.10 12.64 13.85
C GLY A 297 2.90 11.84 12.86
N LEU A 298 2.45 10.63 12.58
CA LEU A 298 3.12 9.76 11.60
C LEU A 298 2.50 9.98 10.23
N SER A 299 3.34 10.08 9.21
CA SER A 299 2.89 10.30 7.82
C SER A 299 3.57 9.25 6.97
N GLY A 300 3.23 9.19 5.69
CA GLY A 300 3.90 8.27 4.77
C GLY A 300 3.22 6.92 4.66
N ARG A 301 3.90 5.95 4.09
CA ARG A 301 3.37 4.57 3.93
C ARG A 301 2.73 4.06 5.22
N PRO A 302 3.30 4.27 6.43
CA PRO A 302 2.65 3.83 7.65
C PRO A 302 1.25 4.37 7.96
N LEU A 303 0.75 5.33 7.19
CA LEU A 303 -0.59 5.93 7.42
C LEU A 303 -1.55 5.54 6.28
N GLN A 304 -1.02 5.10 5.14
CA GLN A 304 -1.84 4.78 3.94
C GLN A 304 -3.15 4.05 4.26
N LEU A 305 -3.07 2.84 4.83
CA LEU A 305 -4.29 2.02 5.05
C LEU A 305 -5.32 2.79 5.90
N LYS A 306 -4.90 3.36 7.03
CA LYS A 306 -5.82 4.08 7.93
C LYS A 306 -6.51 5.20 7.14
N SER A 307 -5.73 6.00 6.43
CA SER A 307 -6.28 7.12 5.64
C SER A 307 -7.36 6.62 4.69
N THR A 308 -7.06 5.55 3.97
CA THR A 308 -8.01 5.00 3.01
C THR A 308 -9.30 4.57 3.70
N GLU A 309 -9.18 3.86 4.81
CA GLU A 309 -10.36 3.38 5.51
C GLU A 309 -11.17 4.55 6.05
N ILE A 310 -10.50 5.57 6.61
CA ILE A 310 -11.21 6.78 6.99
C ILE A 310 -12.00 7.34 5.82
N ILE A 311 -11.36 7.50 4.66
CA ILE A 311 -12.03 8.11 3.47
C ILE A 311 -13.23 7.25 3.06
N ARG A 312 -13.07 5.94 3.01
CA ARG A 312 -14.19 5.03 2.62
C ARG A 312 -15.38 5.27 3.53
N ARG A 313 -15.16 5.27 4.84
CA ARG A 313 -16.26 5.45 5.82
C ARG A 313 -16.89 6.82 5.64
N LEU A 314 -16.05 7.85 5.60
CA LEU A 314 -16.53 9.23 5.45
C LEU A 314 -17.32 9.31 4.15
N SER A 315 -16.91 8.55 3.14
CA SER A 315 -17.59 8.70 1.86
C SER A 315 -18.98 8.08 1.90
N LEU A 316 -19.12 6.95 2.61
CA LEU A 316 -20.45 6.37 2.82
C LEU A 316 -21.35 7.36 3.56
N GLU A 317 -20.83 8.02 4.60
CA GLU A 317 -21.63 8.96 5.37
C GLU A 317 -22.01 10.18 4.54
N LEU A 318 -21.10 10.67 3.71
CA LEU A 318 -21.37 11.89 2.96
C LEU A 318 -22.29 11.64 1.77
N ASN A 319 -22.27 10.44 1.21
CA ASN A 319 -23.14 10.07 0.10
C ASN A 319 -23.15 11.15 -0.99
N GLY A 320 -21.96 11.62 -1.35
CA GLY A 320 -21.81 12.50 -2.50
C GLY A 320 -22.16 13.94 -2.25
N ARG A 321 -22.54 14.30 -1.03
CA ARG A 321 -23.01 15.65 -0.79
C ARG A 321 -21.88 16.68 -0.77
N LEU A 322 -20.64 16.28 -0.51
CA LEU A 322 -19.52 17.19 -0.63
C LEU A 322 -18.27 16.38 -0.91
N PRO A 323 -17.30 16.94 -1.62
CA PRO A 323 -16.16 16.17 -2.10
C PRO A 323 -15.16 15.90 -1.01
N ILE A 324 -14.40 14.82 -1.20
CA ILE A 324 -13.31 14.46 -0.31
C ILE A 324 -12.02 14.62 -1.05
N ILE A 325 -11.06 15.31 -0.44
CA ILE A 325 -9.68 15.41 -0.97
C ILE A 325 -8.86 14.40 -0.16
N GLY A 326 -8.43 13.30 -0.78
CA GLY A 326 -7.73 12.22 -0.07
C GLY A 326 -6.24 12.45 0.11
N VAL A 327 -5.74 12.24 1.32
CA VAL A 327 -4.30 12.41 1.61
C VAL A 327 -3.89 11.43 2.73
N GLY A 328 -2.68 10.90 2.66
CA GLY A 328 -2.19 9.94 3.67
C GLY A 328 -1.49 8.76 3.05
N GLY A 329 -0.16 8.82 2.92
CA GLY A 329 0.57 7.66 2.44
C GLY A 329 0.45 7.34 0.95
N ILE A 330 0.01 8.29 0.13
CA ILE A 330 -0.02 8.05 -1.34
C ILE A 330 1.40 8.07 -1.87
N ASP A 331 1.90 6.94 -2.32
CA ASP A 331 3.30 6.83 -2.80
C ASP A 331 3.33 6.10 -4.14
N SER A 332 2.18 5.96 -4.79
CA SER A 332 2.10 5.19 -6.05
C SER A 332 0.81 5.49 -6.80
N VAL A 333 0.74 5.12 -8.08
CA VAL A 333 -0.49 5.33 -8.89
C VAL A 333 -1.62 4.51 -8.27
N ILE A 334 -1.31 3.28 -7.88
CA ILE A 334 -2.34 2.39 -7.31
C ILE A 334 -2.75 2.95 -5.94
N ALA A 335 -1.82 3.46 -5.15
CA ALA A 335 -2.26 4.01 -3.86
C ALA A 335 -3.14 5.23 -4.07
N ALA A 336 -2.81 6.06 -5.07
CA ALA A 336 -3.69 7.18 -5.36
C ALA A 336 -5.04 6.70 -5.87
N ARG A 337 -5.06 5.63 -6.69
CA ARG A 337 -6.33 5.13 -7.20
C ARG A 337 -7.14 4.47 -6.10
N GLU A 338 -6.48 3.85 -5.13
CA GLU A 338 -7.22 3.25 -4.04
C GLU A 338 -8.01 4.31 -3.28
N LYS A 339 -7.46 5.52 -3.16
CA LYS A 339 -8.17 6.63 -2.52
C LYS A 339 -9.36 7.09 -3.36
N ILE A 340 -9.17 7.30 -4.66
CA ILE A 340 -10.29 7.59 -5.55
C ILE A 340 -11.38 6.53 -5.40
N ALA A 341 -10.99 5.25 -5.35
CA ALA A 341 -12.01 4.22 -5.21
C ALA A 341 -12.73 4.34 -3.88
N ALA A 342 -12.01 4.72 -2.82
CA ALA A 342 -12.72 4.86 -1.55
C ALA A 342 -13.62 6.09 -1.51
N GLY A 343 -13.55 6.98 -2.51
CA GLY A 343 -14.52 8.08 -2.53
C GLY A 343 -13.96 9.48 -2.67
N ALA A 344 -12.63 9.61 -2.77
CA ALA A 344 -12.01 10.91 -2.93
C ALA A 344 -12.15 11.37 -4.38
N SER A 345 -12.22 12.69 -4.56
CA SER A 345 -12.24 13.30 -5.88
C SER A 345 -10.88 13.80 -6.29
N LEU A 346 -10.06 14.12 -5.31
CA LEU A 346 -8.73 14.63 -5.52
C LEU A 346 -7.85 13.93 -4.49
N VAL A 347 -6.54 13.98 -4.74
CA VAL A 347 -5.57 13.39 -3.83
C VAL A 347 -4.47 14.39 -3.60
N GLN A 348 -3.71 14.19 -2.52
CA GLN A 348 -2.58 15.08 -2.19
C GLN A 348 -1.44 14.22 -1.68
N ILE A 349 -0.21 14.69 -1.83
CA ILE A 349 0.98 13.91 -1.37
C ILE A 349 1.94 14.83 -0.64
N TYR A 350 2.66 14.30 0.35
CA TYR A 350 3.72 15.08 1.03
C TYR A 350 4.90 14.14 1.21
N SER A 351 4.74 13.15 2.08
CA SER A 351 5.84 12.22 2.42
C SER A 351 6.37 11.45 1.21
N GLY A 352 5.48 11.02 0.32
CA GLY A 352 5.89 10.28 -0.89
C GLY A 352 6.65 11.15 -1.86
N PHE A 353 6.43 12.46 -1.85
CA PHE A 353 7.23 13.38 -2.67
C PHE A 353 8.63 13.44 -2.08
N ILE A 354 8.71 13.36 -0.76
CA ILE A 354 10.04 13.38 -0.09
C ILE A 354 10.71 12.04 -0.35
N PHE A 355 9.95 10.94 -0.36
CA PHE A 355 10.66 9.67 -0.50
C PHE A 355 10.83 9.23 -1.94
N LYS A 356 9.89 9.53 -2.84
CA LYS A 356 10.06 9.12 -4.21
C LYS A 356 10.30 10.29 -5.17
N GLY A 357 10.12 11.54 -4.74
CA GLY A 357 10.54 12.68 -5.53
C GLY A 357 9.59 13.08 -6.67
N PRO A 358 10.01 14.06 -7.48
CA PRO A 358 9.17 14.55 -8.59
C PRO A 358 8.66 13.43 -9.49
N PRO A 359 9.45 12.38 -9.75
CA PRO A 359 8.93 11.30 -10.59
C PRO A 359 7.58 10.78 -10.11
N LEU A 360 7.27 10.95 -8.82
CA LEU A 360 5.97 10.48 -8.33
C LEU A 360 4.84 11.36 -8.84
N ILE A 361 5.08 12.66 -8.98
CA ILE A 361 4.04 13.58 -9.53
C ILE A 361 3.69 13.10 -10.93
N LYS A 362 4.70 12.93 -11.77
CA LYS A 362 4.47 12.52 -13.18
C LYS A 362 3.74 11.18 -13.19
N GLU A 363 4.25 10.19 -12.47
CA GLU A 363 3.62 8.85 -12.39
C GLU A 363 2.13 8.98 -12.07
N ILE A 364 1.80 9.64 -10.97
CA ILE A 364 0.38 9.69 -10.54
C ILE A 364 -0.44 10.46 -11.58
N VAL A 365 -0.05 11.69 -11.89
CA VAL A 365 -0.94 12.50 -12.78
C VAL A 365 -1.09 11.78 -14.12
N THR A 366 -0.06 11.06 -14.55
CA THR A 366 -0.13 10.43 -15.86
C THR A 366 -1.13 9.28 -15.86
N HIS A 367 -1.10 8.43 -14.84
CA HIS A 367 -1.85 7.18 -14.86
C HIS A 367 -2.97 7.14 -13.86
N ILE A 368 -3.16 8.19 -13.05
CA ILE A 368 -4.30 8.18 -12.16
C ILE A 368 -5.52 8.09 -13.05
N TYR B 34 22.50 -2.98 -8.77
CA TYR B 34 21.19 -2.38 -8.47
C TYR B 34 20.11 -3.05 -9.34
N TYR B 35 19.00 -3.45 -8.70
CA TYR B 35 17.92 -4.15 -9.44
C TYR B 35 17.24 -3.24 -10.46
N PRO B 36 16.99 -1.94 -10.20
CA PRO B 36 16.40 -1.07 -11.21
C PRO B 36 17.00 -1.25 -12.62
N PHE B 37 18.31 -1.41 -12.71
CA PHE B 37 18.99 -1.56 -14.03
C PHE B 37 18.67 -2.94 -14.61
N VAL B 38 18.80 -3.99 -13.80
CA VAL B 38 18.53 -5.37 -14.28
C VAL B 38 17.07 -5.47 -14.70
N ARG B 39 16.18 -4.78 -13.99
CA ARG B 39 14.73 -4.85 -14.29
C ARG B 39 14.47 -4.14 -15.61
N LYS B 40 15.00 -2.93 -15.80
CA LYS B 40 14.86 -2.24 -17.09
C LYS B 40 15.25 -3.16 -18.24
N ALA B 41 16.36 -3.90 -18.09
CA ALA B 41 16.80 -4.82 -19.12
C ALA B 41 15.83 -5.98 -19.28
N LEU B 42 15.59 -6.72 -18.19
CA LEU B 42 14.63 -7.82 -18.23
C LEU B 42 13.30 -7.37 -18.84
N PHE B 43 12.87 -6.16 -18.50
CA PHE B 43 11.56 -5.70 -18.93
C PHE B 43 11.51 -5.36 -20.42
N GLN B 44 12.67 -5.29 -21.09
CA GLN B 44 12.68 -5.25 -22.54
C GLN B 44 12.16 -6.56 -23.13
N LEU B 45 12.35 -7.65 -22.39
CA LEU B 45 11.95 -8.99 -22.90
C LEU B 45 10.51 -9.29 -22.51
N ASP B 46 9.87 -10.17 -23.27
CA ASP B 46 8.48 -10.62 -22.95
C ASP B 46 8.50 -11.23 -21.55
N PRO B 47 7.43 -11.08 -20.74
CA PRO B 47 7.43 -11.59 -19.37
C PRO B 47 7.92 -13.04 -19.22
N GLU B 48 7.30 -13.97 -19.94
CA GLU B 48 7.65 -15.38 -19.80
C GLU B 48 9.05 -15.67 -20.33
N ARG B 49 9.44 -14.98 -21.40
CA ARG B 49 10.80 -15.16 -21.91
C ARG B 49 11.79 -14.68 -20.84
N ALA B 50 11.58 -13.51 -20.27
CA ALA B 50 12.52 -12.98 -19.27
C ALA B 50 12.69 -13.98 -18.12
N HIS B 51 11.61 -14.62 -17.72
CA HIS B 51 11.64 -15.58 -16.59
C HIS B 51 12.49 -16.80 -16.99
N GLU B 52 12.25 -17.33 -18.19
CA GLU B 52 12.97 -18.55 -18.62
C GLU B 52 14.47 -18.27 -18.73
N PHE B 53 14.86 -17.08 -19.16
CA PHE B 53 16.29 -16.73 -19.23
C PHE B 53 16.87 -16.67 -17.83
N THR B 54 16.24 -15.92 -16.93
CA THR B 54 16.80 -15.77 -15.56
C THR B 54 16.87 -17.14 -14.89
N PHE B 55 15.88 -18.00 -15.11
CA PHE B 55 15.91 -19.27 -14.43
C PHE B 55 16.85 -20.27 -15.09
N GLN B 56 17.08 -20.15 -16.40
CA GLN B 56 18.23 -20.86 -16.98
C GLN B 56 19.50 -20.52 -16.22
N GLN B 57 19.76 -19.24 -16.02
CA GLN B 57 20.97 -18.86 -15.29
C GLN B 57 20.93 -19.35 -13.85
N LEU B 58 19.76 -19.34 -13.19
CA LEU B 58 19.72 -19.77 -11.81
C LEU B 58 19.92 -21.28 -11.69
N ARG B 59 19.38 -22.04 -12.66
CA ARG B 59 19.58 -23.48 -12.75
C ARG B 59 21.06 -23.85 -12.74
N ARG B 60 21.87 -23.14 -13.55
CA ARG B 60 23.29 -23.46 -13.73
C ARG B 60 24.13 -23.10 -12.53
N ILE B 61 23.59 -22.37 -11.56
CA ILE B 61 24.38 -22.02 -10.37
C ILE B 61 23.78 -22.58 -9.08
N THR B 62 22.52 -23.00 -9.08
CA THR B 62 21.89 -23.41 -7.83
C THR B 62 22.60 -24.62 -7.25
N GLY B 63 22.92 -24.58 -5.96
CA GLY B 63 23.57 -25.74 -5.31
C GLY B 63 25.05 -25.81 -5.61
N THR B 64 25.55 -24.86 -6.41
CA THR B 64 27.00 -24.79 -6.73
C THR B 64 27.58 -23.60 -5.96
N PRO B 65 28.91 -23.52 -5.73
CA PRO B 65 29.49 -22.34 -5.08
C PRO B 65 29.23 -21.03 -5.83
N PHE B 66 28.73 -21.12 -7.07
CA PHE B 66 28.49 -19.93 -7.90
C PHE B 66 27.21 -19.22 -7.46
N GLU B 67 26.58 -19.67 -6.38
CA GLU B 67 25.37 -18.98 -5.86
C GLU B 67 25.79 -17.77 -5.03
N ALA B 68 27.09 -17.53 -4.90
CA ALA B 68 27.54 -16.29 -4.22
C ALA B 68 27.12 -15.11 -5.07
N LEU B 69 26.90 -15.33 -6.36
CA LEU B 69 26.45 -14.25 -7.27
C LEU B 69 25.06 -13.74 -6.83
N VAL B 70 24.24 -14.58 -6.21
CA VAL B 70 22.85 -14.17 -5.84
C VAL B 70 22.67 -14.24 -4.32
N ARG B 71 23.74 -14.48 -3.57
CA ARG B 71 23.60 -14.66 -2.11
C ARG B 71 23.42 -13.33 -1.37
N GLN B 72 22.43 -13.26 -0.50
CA GLN B 72 22.25 -12.08 0.36
C GLN B 72 22.26 -12.56 1.80
N LYS B 73 23.02 -11.89 2.66
CA LYS B 73 22.92 -12.17 4.08
C LYS B 73 21.73 -11.43 4.65
N VAL B 74 20.88 -12.15 5.38
CA VAL B 74 19.74 -11.57 6.08
C VAL B 74 19.71 -12.12 7.51
N PRO B 75 19.22 -11.35 8.47
CA PRO B 75 19.21 -11.81 9.87
C PRO B 75 18.27 -12.99 10.11
N ALA B 76 18.50 -13.69 11.22
CA ALA B 76 17.60 -14.75 11.63
C ALA B 76 16.40 -14.15 12.36
N LYS B 77 15.20 -14.63 12.03
CA LYS B 77 13.95 -14.15 12.62
C LYS B 77 13.00 -15.32 12.75
N PRO B 78 13.35 -16.29 13.61
CA PRO B 78 12.57 -17.53 13.69
C PRO B 78 11.12 -17.23 14.06
N VAL B 79 10.23 -17.99 13.44
CA VAL B 79 8.81 -17.94 13.69
C VAL B 79 8.34 -19.38 13.80
N ASN B 80 7.59 -19.68 14.85
CA ASN B 80 6.90 -20.97 14.95
C ASN B 80 5.57 -20.82 14.26
N CYS B 81 5.24 -21.78 13.40
CA CYS B 81 3.99 -21.70 12.66
C CYS B 81 3.64 -23.07 12.13
N MET B 82 2.44 -23.54 12.46
CA MET B 82 1.99 -24.83 11.94
C MET B 82 2.81 -25.97 12.53
N GLY B 83 3.45 -25.72 13.67
CA GLY B 83 4.25 -26.74 14.30
C GLY B 83 5.64 -26.89 13.73
N LEU B 84 6.04 -25.98 12.85
CA LEU B 84 7.38 -25.92 12.29
C LEU B 84 8.02 -24.61 12.71
N THR B 85 9.36 -24.62 12.75
CA THR B 85 10.13 -23.39 12.85
C THR B 85 10.46 -22.89 11.44
N PHE B 86 10.03 -21.68 11.12
CA PHE B 86 10.46 -20.99 9.91
C PHE B 86 11.62 -20.09 10.27
N LYS B 87 12.75 -20.23 9.57
CA LYS B 87 13.94 -19.48 9.98
C LYS B 87 13.72 -17.98 9.84
N ASN B 88 12.79 -17.53 8.99
CA ASN B 88 12.33 -16.16 9.05
C ASN B 88 10.92 -16.11 8.47
N PRO B 89 10.20 -15.00 8.67
CA PRO B 89 8.76 -14.94 8.31
C PRO B 89 8.47 -14.81 6.82
N LEU B 90 9.47 -14.73 5.93
CA LEU B 90 9.22 -14.38 4.53
C LEU B 90 9.42 -15.59 3.65
N GLY B 91 8.35 -16.03 2.99
CA GLY B 91 8.51 -17.09 2.02
C GLY B 91 8.35 -16.61 0.59
N LEU B 92 8.89 -17.35 -0.34
CA LEU B 92 8.62 -17.13 -1.74
C LEU B 92 7.34 -17.87 -2.12
N ALA B 93 6.36 -17.15 -2.65
CA ALA B 93 5.07 -17.77 -2.96
C ALA B 93 5.20 -18.74 -4.12
N ALA B 94 4.16 -19.56 -4.29
CA ALA B 94 4.25 -20.58 -5.33
C ALA B 94 4.11 -19.95 -6.72
N GLY B 95 4.61 -20.65 -7.72
CA GLY B 95 4.44 -20.29 -9.11
C GLY B 95 5.70 -19.82 -9.79
N LEU B 96 6.72 -19.46 -9.02
CA LEU B 96 7.94 -18.93 -9.61
C LEU B 96 8.90 -20.05 -9.98
N ASP B 97 9.04 -21.00 -9.06
CA ASP B 97 9.88 -22.21 -9.31
C ASP B 97 8.89 -23.37 -9.28
N LYS B 98 8.10 -23.51 -10.34
CA LYS B 98 7.02 -24.53 -10.36
C LYS B 98 7.56 -25.96 -10.34
N ASP B 99 8.77 -26.19 -10.81
CA ASP B 99 9.27 -27.59 -10.94
C ASP B 99 10.35 -27.87 -9.89
N GLY B 100 10.70 -26.87 -9.09
CA GLY B 100 11.68 -27.10 -8.02
C GLY B 100 13.09 -27.09 -8.55
N GLU B 101 13.36 -26.20 -9.50
CA GLU B 101 14.67 -26.22 -10.13
C GLU B 101 15.69 -25.35 -9.41
N CYS B 102 15.26 -24.35 -8.64
CA CYS B 102 16.22 -23.36 -8.16
C CYS B 102 16.14 -23.19 -6.65
N ILE B 103 15.83 -24.26 -5.94
CA ILE B 103 15.58 -24.12 -4.51
C ILE B 103 16.79 -23.49 -3.82
N ASP B 104 17.98 -24.02 -4.04
CA ASP B 104 19.13 -23.54 -3.27
C ASP B 104 19.49 -22.10 -3.67
N ALA B 105 19.45 -21.79 -4.98
CA ALA B 105 19.75 -20.43 -5.40
C ALA B 105 18.76 -19.44 -4.80
N LEU B 106 17.47 -19.78 -4.84
CA LEU B 106 16.49 -18.88 -4.25
C LEU B 106 16.64 -18.82 -2.72
N GLY B 107 16.87 -19.95 -2.06
CA GLY B 107 17.17 -19.90 -0.64
C GLY B 107 18.36 -19.01 -0.33
N ALA B 108 19.35 -18.98 -1.24
CA ALA B 108 20.56 -18.19 -1.03
C ALA B 108 20.27 -16.70 -1.00
N MET B 109 19.17 -16.25 -1.62
CA MET B 109 18.75 -14.85 -1.55
C MET B 109 18.08 -14.47 -0.24
N GLY B 110 17.76 -15.44 0.62
CA GLY B 110 17.39 -15.14 2.01
C GLY B 110 15.99 -15.52 2.40
N PHE B 111 15.20 -16.08 1.49
CA PHE B 111 13.87 -16.51 1.85
C PHE B 111 13.95 -17.47 3.04
N GLY B 112 13.01 -17.32 3.97
CA GLY B 112 12.95 -18.24 5.10
C GLY B 112 12.18 -19.49 4.81
N SER B 113 11.31 -19.46 3.80
CA SER B 113 10.68 -20.64 3.24
C SER B 113 10.51 -20.40 1.75
N ILE B 114 10.42 -21.51 1.01
CA ILE B 114 10.24 -21.50 -0.44
C ILE B 114 9.12 -22.46 -0.77
N GLU B 115 8.07 -21.96 -1.41
CA GLU B 115 6.96 -22.79 -1.84
C GLU B 115 7.13 -23.04 -3.34
N ILE B 116 7.35 -24.31 -3.68
CA ILE B 116 7.53 -24.72 -5.10
C ILE B 116 6.17 -25.19 -5.60
N GLY B 117 6.05 -25.45 -6.90
CA GLY B 117 4.74 -25.82 -7.46
C GLY B 117 4.11 -24.59 -8.10
N THR B 118 2.95 -24.75 -8.75
CA THR B 118 2.02 -25.88 -8.55
C THR B 118 2.47 -27.07 -9.38
N VAL B 119 2.40 -28.27 -8.81
CA VAL B 119 2.78 -29.49 -9.55
C VAL B 119 1.50 -30.30 -9.69
N THR B 120 1.32 -30.95 -10.83
CA THR B 120 0.15 -31.82 -11.01
C THR B 120 0.67 -33.25 -11.15
N PRO B 121 -0.14 -34.30 -10.90
CA PRO B 121 0.36 -35.67 -10.96
C PRO B 121 1.08 -35.96 -12.28
N ARG B 122 0.46 -35.60 -13.40
CA ARG B 122 1.09 -35.77 -14.71
C ARG B 122 1.45 -34.41 -15.29
N PRO B 123 2.56 -34.33 -16.02
CA PRO B 123 2.92 -33.07 -16.68
C PRO B 123 1.80 -32.61 -17.59
N GLN B 124 1.77 -31.30 -17.82
CA GLN B 124 0.79 -30.68 -18.70
C GLN B 124 1.33 -29.33 -19.11
N PRO B 125 1.05 -28.87 -20.33
CA PRO B 125 1.72 -27.67 -20.84
C PRO B 125 1.13 -26.35 -20.36
N GLY B 126 -0.07 -26.36 -19.77
CA GLY B 126 -0.70 -25.11 -19.43
C GLY B 126 -1.49 -24.55 -20.60
N ASN B 127 -1.80 -23.26 -20.53
CA ASN B 127 -2.62 -22.59 -21.52
C ASN B 127 -1.74 -21.96 -22.60
N ASP B 128 -2.37 -21.53 -23.69
CA ASP B 128 -1.61 -21.10 -24.86
C ASP B 128 -0.97 -19.74 -24.65
N LYS B 129 0.30 -19.60 -25.05
CA LYS B 129 0.96 -18.31 -25.05
C LYS B 129 0.33 -17.38 -26.11
N PRO B 130 0.30 -16.07 -25.85
CA PRO B 130 0.84 -15.44 -24.65
C PRO B 130 -0.14 -15.56 -23.48
N ARG B 131 0.41 -15.73 -22.26
CA ARG B 131 -0.36 -16.03 -21.07
C ARG B 131 0.18 -15.31 -19.83
N LEU B 132 1.05 -14.32 -20.00
CA LEU B 132 1.68 -13.63 -18.90
C LEU B 132 1.89 -12.19 -19.32
N PHE B 133 1.46 -11.25 -18.48
CA PHE B 133 1.47 -9.86 -18.88
C PHE B 133 1.87 -8.96 -17.71
N ARG B 134 2.70 -7.98 -18.01
CA ARG B 134 3.13 -6.97 -17.07
C ARG B 134 2.21 -5.76 -17.14
N LEU B 135 2.03 -5.11 -15.98
CA LEU B 135 1.32 -3.83 -15.84
C LEU B 135 2.31 -2.97 -15.10
N VAL B 136 3.25 -2.38 -15.84
CA VAL B 136 4.46 -1.86 -15.22
C VAL B 136 4.17 -0.68 -14.31
N ASP B 137 3.30 0.24 -14.74
CA ASP B 137 2.95 1.42 -13.92
C ASP B 137 2.20 1.04 -12.66
N ALA B 138 1.43 -0.05 -12.71
CA ALA B 138 0.71 -0.54 -11.55
C ALA B 138 1.51 -1.56 -10.73
N GLU B 139 2.77 -1.82 -11.10
CA GLU B 139 3.59 -2.87 -10.50
C GLU B 139 2.74 -4.09 -10.15
N GLY B 140 2.03 -4.57 -11.17
CA GLY B 140 1.22 -5.77 -11.05
C GLY B 140 1.44 -6.68 -12.24
N LEU B 141 0.91 -7.89 -12.13
CA LEU B 141 1.00 -8.90 -13.18
C LEU B 141 -0.38 -9.51 -13.39
N ILE B 142 -0.65 -9.88 -14.64
CA ILE B 142 -1.77 -10.75 -15.00
C ILE B 142 -1.17 -12.01 -15.61
N ASN B 143 -1.69 -13.17 -15.19
CA ASN B 143 -1.23 -14.43 -15.75
C ASN B 143 -2.40 -15.38 -15.92
N ARG B 144 -2.32 -16.22 -16.95
CA ARG B 144 -3.23 -17.36 -17.09
C ARG B 144 -2.45 -18.62 -17.44
N MET B 145 -1.39 -18.85 -16.66
CA MET B 145 -0.50 -19.98 -16.89
C MET B 145 -1.27 -21.28 -17.10
N GLY B 146 -2.16 -21.66 -16.20
CA GLY B 146 -2.89 -22.93 -16.32
C GLY B 146 -2.13 -24.12 -15.80
N PHE B 147 -1.31 -23.94 -14.77
CA PHE B 147 -0.55 -25.04 -14.13
C PHE B 147 0.45 -25.66 -15.11
N ASN B 148 1.31 -24.85 -15.69
CA ASN B 148 2.37 -25.37 -16.60
C ASN B 148 3.48 -26.02 -15.75
N ASN B 149 3.57 -27.35 -15.75
CA ASN B 149 4.58 -27.99 -14.91
C ASN B 149 4.94 -29.36 -15.49
N LEU B 150 6.10 -29.85 -15.04
CA LEU B 150 6.69 -31.08 -15.48
C LEU B 150 6.22 -32.29 -14.68
N GLY B 151 5.24 -32.13 -13.81
CA GLY B 151 4.71 -33.28 -13.09
C GLY B 151 5.42 -33.52 -11.77
N VAL B 152 4.71 -34.23 -10.89
CA VAL B 152 5.16 -34.35 -9.51
C VAL B 152 6.37 -35.26 -9.39
N ASP B 153 6.48 -36.28 -10.25
CA ASP B 153 7.65 -37.17 -10.21
C ASP B 153 8.93 -36.38 -10.48
N ASN B 154 8.89 -35.50 -11.49
CA ASN B 154 10.05 -34.68 -11.79
C ASN B 154 10.39 -33.75 -10.63
N LEU B 155 9.37 -33.14 -10.01
CA LEU B 155 9.60 -32.25 -8.88
C LEU B 155 10.30 -32.98 -7.74
N VAL B 156 9.89 -34.23 -7.44
CA VAL B 156 10.53 -34.96 -6.36
C VAL B 156 12.01 -35.18 -6.66
N GLU B 157 12.35 -35.46 -7.92
CA GLU B 157 13.76 -35.70 -8.24
C GLU B 157 14.61 -34.46 -7.97
N ASN B 158 14.10 -33.27 -8.34
CA ASN B 158 14.82 -32.03 -8.05
C ASN B 158 14.92 -31.77 -6.55
N VAL B 159 13.81 -31.92 -5.83
CA VAL B 159 13.83 -31.68 -4.39
C VAL B 159 14.88 -32.59 -3.73
N LYS B 160 15.04 -33.83 -4.21
CA LYS B 160 16.06 -34.73 -3.66
C LYS B 160 17.48 -34.16 -3.76
N LYS B 161 17.72 -33.24 -4.68
CA LYS B 161 19.06 -32.69 -4.90
C LYS B 161 19.31 -31.41 -4.12
N ALA B 162 18.32 -30.88 -3.42
CA ALA B 162 18.46 -29.57 -2.79
C ALA B 162 18.91 -29.71 -1.35
N HIS B 163 19.51 -28.63 -0.84
CA HIS B 163 20.09 -28.63 0.50
C HIS B 163 19.69 -27.38 1.23
N TYR B 164 18.46 -26.96 1.02
CA TYR B 164 17.95 -25.72 1.60
C TYR B 164 17.61 -25.93 3.06
N ASP B 165 18.10 -25.05 3.93
CA ASP B 165 17.88 -25.13 5.37
C ASP B 165 16.65 -24.37 5.81
N GLY B 166 15.89 -23.79 4.88
CA GLY B 166 14.62 -23.17 5.19
C GLY B 166 13.51 -24.20 5.12
N VAL B 167 12.29 -23.72 5.28
CA VAL B 167 11.14 -24.58 5.14
C VAL B 167 10.76 -24.66 3.67
N LEU B 168 10.61 -25.88 3.15
CA LEU B 168 10.16 -26.10 1.79
C LEU B 168 8.68 -26.46 1.81
N GLY B 169 7.88 -25.68 1.07
CA GLY B 169 6.46 -26.04 0.90
C GLY B 169 6.25 -26.52 -0.52
N ILE B 170 5.48 -27.59 -0.70
CA ILE B 170 5.20 -28.12 -2.06
C ILE B 170 3.71 -27.88 -2.37
N ASN B 171 3.43 -27.05 -3.39
CA ASN B 171 2.03 -26.73 -3.77
C ASN B 171 1.56 -27.75 -4.81
N ILE B 172 0.35 -28.27 -4.62
CA ILE B 172 -0.18 -29.29 -5.53
C ILE B 172 -1.56 -28.88 -6.03
N GLY B 173 -1.87 -29.27 -7.28
CA GLY B 173 -3.14 -28.99 -7.90
C GLY B 173 -3.57 -30.08 -8.87
N LYS B 174 -4.72 -29.87 -9.50
CA LYS B 174 -5.33 -30.92 -10.29
C LYS B 174 -4.97 -30.78 -11.77
N ASN B 175 -4.73 -31.91 -12.41
CA ASN B 175 -4.52 -31.88 -13.85
C ASN B 175 -5.70 -31.25 -14.54
N LYS B 176 -5.42 -30.52 -15.62
CA LYS B 176 -6.50 -29.86 -16.35
C LYS B 176 -7.62 -30.86 -16.71
N ASP B 177 -7.24 -32.04 -17.21
CA ASP B 177 -8.20 -33.01 -17.75
C ASP B 177 -8.90 -33.82 -16.67
N THR B 178 -8.59 -33.60 -15.40
CA THR B 178 -9.19 -34.43 -14.35
C THR B 178 -10.57 -33.86 -14.04
N PRO B 179 -11.65 -34.66 -14.02
CA PRO B 179 -12.96 -34.16 -13.64
C PRO B 179 -12.90 -33.46 -12.26
N VAL B 180 -13.62 -32.35 -12.10
CA VAL B 180 -13.54 -31.57 -10.83
C VAL B 180 -14.13 -32.40 -9.70
N GLU B 181 -15.01 -33.35 -10.03
CA GLU B 181 -15.59 -34.24 -9.00
C GLU B 181 -14.52 -35.25 -8.56
N GLN B 182 -13.45 -35.40 -9.33
CA GLN B 182 -12.39 -36.38 -9.00
C GLN B 182 -11.10 -35.63 -8.71
N GLY B 183 -11.20 -34.33 -8.44
CA GLY B 183 -10.01 -33.52 -8.10
C GLY B 183 -9.26 -34.14 -6.95
N LYS B 184 -9.97 -34.59 -5.92
CA LYS B 184 -9.34 -35.22 -4.74
C LYS B 184 -8.30 -36.25 -5.17
N ASP B 185 -8.64 -37.10 -6.12
CA ASP B 185 -7.72 -38.19 -6.52
C ASP B 185 -6.38 -37.61 -6.94
N ASP B 186 -6.40 -36.46 -7.62
CA ASP B 186 -5.14 -35.83 -8.09
C ASP B 186 -4.35 -35.30 -6.89
N TYR B 187 -5.04 -34.71 -5.92
CA TYR B 187 -4.32 -34.12 -4.76
C TYR B 187 -3.71 -35.23 -3.93
N LEU B 188 -4.32 -36.41 -3.93
CA LEU B 188 -3.84 -37.50 -3.03
C LEU B 188 -2.63 -38.21 -3.64
N ILE B 189 -2.61 -38.41 -4.95
CA ILE B 189 -1.39 -39.03 -5.55
C ILE B 189 -0.19 -38.10 -5.33
N CYS B 190 -0.39 -36.80 -5.54
CA CYS B 190 0.71 -35.85 -5.31
C CYS B 190 1.16 -36.00 -3.86
N MET B 191 0.22 -36.09 -2.94
CA MET B 191 0.57 -36.14 -1.49
C MET B 191 1.46 -37.35 -1.22
N GLU B 192 1.08 -38.52 -1.71
CA GLU B 192 1.87 -39.73 -1.51
C GLU B 192 3.31 -39.55 -1.96
N LYS B 193 3.53 -38.85 -3.07
CA LYS B 193 4.85 -38.79 -3.68
C LYS B 193 5.75 -37.72 -3.05
N ILE B 194 5.17 -36.70 -2.43
CA ILE B 194 5.95 -35.59 -1.88
C ILE B 194 6.03 -35.63 -0.36
N TYR B 195 5.19 -36.41 0.30
CA TYR B 195 5.09 -36.35 1.74
C TYR B 195 6.47 -36.44 2.39
N ALA B 196 7.29 -37.40 1.94
CA ALA B 196 8.57 -37.62 2.58
C ALA B 196 9.52 -36.45 2.42
N TYR B 197 9.30 -35.61 1.41
CA TYR B 197 10.31 -34.58 1.08
C TYR B 197 9.80 -33.16 1.36
N ALA B 198 8.58 -33.04 1.85
CA ALA B 198 8.00 -31.70 2.01
C ALA B 198 8.03 -31.23 3.46
N GLY B 199 8.29 -29.95 3.70
CA GLY B 199 8.15 -29.42 5.07
C GLY B 199 6.69 -29.14 5.27
N TYR B 200 6.06 -28.48 4.31
CA TYR B 200 4.59 -28.29 4.35
C TYR B 200 4.02 -28.59 2.96
N ILE B 201 2.72 -28.86 2.87
CA ILE B 201 2.06 -29.09 1.59
C ILE B 201 0.97 -28.04 1.41
N ALA B 202 0.91 -27.44 0.22
CA ALA B 202 -0.10 -26.42 -0.07
C ALA B 202 -1.12 -26.98 -1.06
N ILE B 203 -2.40 -26.81 -0.75
CA ILE B 203 -3.50 -27.31 -1.58
C ILE B 203 -4.04 -26.15 -2.40
N ASN B 204 -3.64 -26.05 -3.67
CA ASN B 204 -4.10 -24.98 -4.53
C ASN B 204 -5.49 -25.30 -5.08
N ILE B 205 -6.50 -24.57 -4.62
CA ILE B 205 -7.85 -24.66 -5.16
C ILE B 205 -8.37 -23.26 -5.45
N SER B 206 -7.47 -22.37 -5.89
CA SER B 206 -7.79 -20.96 -6.07
C SER B 206 -7.24 -20.38 -7.37
N SER B 207 -6.49 -21.14 -8.16
CA SER B 207 -6.18 -20.68 -9.50
C SER B 207 -7.46 -20.39 -10.26
N PRO B 208 -7.57 -19.26 -10.94
CA PRO B 208 -8.66 -19.04 -11.91
C PRO B 208 -8.36 -19.56 -13.31
N ASN B 209 -7.27 -20.30 -13.51
CA ASN B 209 -6.85 -20.67 -14.85
C ASN B 209 -7.04 -22.14 -15.17
N THR B 210 -7.54 -22.93 -14.23
CA THR B 210 -8.05 -24.27 -14.51
C THR B 210 -9.56 -24.20 -14.34
N PRO B 211 -10.34 -24.39 -15.42
CA PRO B 211 -11.79 -24.20 -15.32
C PRO B 211 -12.40 -25.04 -14.21
N GLY B 212 -13.33 -24.41 -13.48
CA GLY B 212 -14.05 -25.05 -12.40
C GLY B 212 -13.27 -25.25 -11.11
N LEU B 213 -11.96 -25.00 -11.10
CA LEU B 213 -11.15 -25.36 -9.94
C LEU B 213 -11.61 -24.63 -8.68
N ARG B 214 -12.01 -23.37 -8.82
CA ARG B 214 -12.38 -22.57 -7.61
C ARG B 214 -13.67 -23.09 -6.97
N THR B 215 -14.41 -23.95 -7.67
CA THR B 215 -15.64 -24.55 -7.09
C THR B 215 -15.26 -25.46 -5.94
N LEU B 216 -14.01 -25.93 -5.94
CA LEU B 216 -13.55 -26.88 -4.89
C LEU B 216 -13.41 -26.17 -3.56
N GLN B 217 -13.68 -24.86 -3.51
CA GLN B 217 -13.67 -24.18 -2.19
C GLN B 217 -15.10 -23.94 -1.72
N TYR B 218 -16.08 -24.48 -2.44
CA TYR B 218 -17.49 -24.18 -2.08
C TYR B 218 -18.21 -25.40 -1.49
N GLY B 219 -18.76 -25.26 -0.28
CA GLY B 219 -19.61 -26.28 0.35
C GLY B 219 -19.16 -27.72 0.36
N GLU B 220 -20.04 -28.64 -0.04
CA GLU B 220 -19.77 -30.09 0.05
C GLU B 220 -18.49 -30.48 -0.70
N ALA B 221 -18.24 -29.88 -1.85
CA ALA B 221 -17.00 -30.17 -2.61
C ALA B 221 -15.79 -29.97 -1.68
N LEU B 222 -15.71 -28.81 -1.03
CA LEU B 222 -14.57 -28.51 -0.13
C LEU B 222 -14.55 -29.55 0.99
N ASP B 223 -15.70 -29.81 1.61
CA ASP B 223 -15.73 -30.74 2.77
C ASP B 223 -15.16 -32.09 2.35
N ASP B 224 -15.64 -32.66 1.25
CA ASP B 224 -15.16 -33.98 0.77
C ASP B 224 -13.66 -33.93 0.50
N LEU B 225 -13.19 -32.89 -0.18
CA LEU B 225 -11.74 -32.79 -0.54
C LEU B 225 -10.93 -32.75 0.75
N LEU B 226 -11.35 -31.94 1.71
CA LEU B 226 -10.57 -31.78 2.95
C LEU B 226 -10.56 -33.09 3.74
N THR B 227 -11.69 -33.79 3.78
CA THR B 227 -11.78 -35.06 4.54
C THR B 227 -10.80 -36.04 3.93
N ALA B 228 -10.73 -36.07 2.60
CA ALA B 228 -9.81 -36.99 1.90
C ALA B 228 -8.37 -36.61 2.23
N ILE B 229 -8.07 -35.32 2.09
CA ILE B 229 -6.70 -34.82 2.36
C ILE B 229 -6.35 -35.10 3.83
N LYS B 230 -7.28 -34.87 4.76
CA LYS B 230 -6.92 -35.09 6.16
C LYS B 230 -6.69 -36.57 6.45
N ASN B 231 -7.45 -37.45 5.79
CA ASN B 231 -7.27 -38.88 6.03
C ASN B 231 -5.96 -39.37 5.45
N LYS B 232 -5.59 -38.86 4.27
CA LYS B 232 -4.31 -39.24 3.67
C LYS B 232 -3.13 -38.73 4.49
N GLN B 233 -3.22 -37.50 5.00
CA GLN B 233 -2.17 -36.97 5.86
C GLN B 233 -1.94 -37.88 7.06
N ASN B 234 -3.00 -38.38 7.69
CA ASN B 234 -2.81 -39.26 8.84
C ASN B 234 -2.19 -40.59 8.41
N ASP B 235 -2.76 -41.19 7.37
CA ASP B 235 -2.16 -42.37 6.76
C ASP B 235 -0.68 -42.13 6.48
N LEU B 236 -0.38 -41.05 5.76
CA LEU B 236 1.01 -40.79 5.40
C LEU B 236 1.87 -40.55 6.63
N GLN B 237 1.31 -39.95 7.69
CA GLN B 237 2.12 -39.71 8.87
C GLN B 237 2.56 -41.01 9.51
N ALA B 238 1.67 -42.02 9.53
CA ALA B 238 2.03 -43.31 10.11
C ALA B 238 2.99 -44.08 9.21
N MET B 239 2.91 -43.86 7.89
CA MET B 239 3.80 -44.54 6.95
C MET B 239 5.23 -44.05 7.07
N HIS B 240 5.44 -42.74 7.02
CA HIS B 240 6.78 -42.16 6.96
C HIS B 240 7.27 -41.64 8.30
N HIS B 241 6.42 -41.65 9.32
CA HIS B 241 6.80 -41.25 10.67
C HIS B 241 7.21 -39.79 10.74
N LYS B 242 6.58 -38.96 9.93
CA LYS B 242 6.96 -37.56 9.78
C LYS B 242 5.72 -36.68 9.83
N TYR B 243 5.78 -35.67 10.67
CA TYR B 243 4.73 -34.66 10.73
C TYR B 243 4.92 -33.65 9.59
N VAL B 244 3.89 -33.52 8.74
CA VAL B 244 3.90 -32.58 7.62
C VAL B 244 2.58 -31.82 7.63
N PRO B 245 2.57 -30.54 7.98
CA PRO B 245 1.30 -29.78 7.97
C PRO B 245 0.78 -29.55 6.55
N ILE B 246 -0.53 -29.36 6.46
CA ILE B 246 -1.22 -29.12 5.20
C ILE B 246 -1.97 -27.80 5.30
N ALA B 247 -1.71 -26.92 4.35
CA ALA B 247 -2.39 -25.60 4.30
C ALA B 247 -3.15 -25.46 2.98
N VAL B 248 -4.35 -24.91 3.02
CA VAL B 248 -5.17 -24.71 1.79
C VAL B 248 -5.02 -23.26 1.31
N LYS B 249 -4.71 -23.08 0.03
CA LYS B 249 -4.59 -21.72 -0.55
C LYS B 249 -5.95 -21.28 -1.09
N ILE B 250 -6.44 -20.12 -0.64
CA ILE B 250 -7.80 -19.65 -1.03
C ILE B 250 -7.67 -18.51 -2.02
N ALA B 251 -8.79 -18.09 -2.60
CA ALA B 251 -8.80 -16.99 -3.58
C ALA B 251 -9.26 -15.72 -2.86
N PRO B 252 -9.08 -14.51 -3.44
CA PRO B 252 -9.48 -13.28 -2.79
C PRO B 252 -10.83 -12.81 -3.32
N ASP B 253 -11.48 -13.62 -4.16
CA ASP B 253 -12.76 -13.19 -4.80
C ASP B 253 -13.90 -13.87 -4.05
N LEU B 254 -13.59 -14.54 -2.95
CA LEU B 254 -14.64 -15.18 -2.12
C LEU B 254 -15.56 -14.10 -1.52
N SER B 255 -16.86 -14.37 -1.47
CA SER B 255 -17.84 -13.45 -0.87
C SER B 255 -17.78 -13.57 0.65
N GLU B 256 -18.49 -12.73 1.38
CA GLU B 256 -18.39 -12.82 2.83
C GLU B 256 -18.96 -14.13 3.35
N GLU B 257 -20.12 -14.53 2.86
CA GLU B 257 -20.65 -15.84 3.27
C GLU B 257 -19.75 -16.95 2.76
N GLU B 258 -19.19 -16.80 1.56
CA GLU B 258 -18.25 -17.80 1.05
C GLU B 258 -17.03 -17.91 1.96
N LEU B 259 -16.40 -16.77 2.26
CA LEU B 259 -15.27 -16.78 3.18
C LEU B 259 -15.65 -17.44 4.50
N ILE B 260 -16.80 -17.08 5.04
CA ILE B 260 -17.24 -17.60 6.33
C ILE B 260 -17.33 -19.13 6.28
N GLN B 261 -17.96 -19.64 5.23
CA GLN B 261 -18.11 -21.08 5.09
C GLN B 261 -16.75 -21.75 4.92
N VAL B 262 -15.85 -21.10 4.19
CA VAL B 262 -14.51 -21.66 3.96
C VAL B 262 -13.71 -21.71 5.26
N ALA B 263 -13.75 -20.64 6.05
CA ALA B 263 -13.08 -20.67 7.36
C ALA B 263 -13.61 -21.80 8.23
N ASP B 264 -14.94 -21.96 8.29
CA ASP B 264 -15.55 -22.99 9.17
C ASP B 264 -15.08 -24.37 8.76
N SER B 265 -15.10 -24.68 7.47
CA SER B 265 -14.66 -26.00 6.96
C SER B 265 -13.21 -26.26 7.37
N LEU B 266 -12.34 -25.27 7.27
CA LEU B 266 -10.90 -25.50 7.57
C LEU B 266 -10.77 -25.89 9.03
N VAL B 267 -11.48 -25.21 9.91
CA VAL B 267 -11.40 -25.50 11.37
C VAL B 267 -12.03 -26.87 11.61
N ARG B 268 -13.17 -27.15 11.00
CA ARG B 268 -13.85 -28.39 11.30
C ARG B 268 -13.03 -29.60 10.90
N HIS B 269 -12.30 -29.52 9.78
CA HIS B 269 -11.40 -30.58 9.35
C HIS B 269 -9.97 -30.44 9.88
N ASN B 270 -9.72 -29.50 10.80
CA ASN B 270 -8.39 -29.37 11.45
C ASN B 270 -7.26 -29.24 10.43
N ILE B 271 -7.52 -28.45 9.38
CA ILE B 271 -6.46 -28.08 8.48
C ILE B 271 -5.45 -27.27 9.27
N ASP B 272 -4.16 -27.42 8.90
CA ASP B 272 -3.09 -26.84 9.71
C ASP B 272 -2.90 -25.34 9.46
N GLY B 273 -3.19 -24.86 8.26
CA GLY B 273 -3.16 -23.42 8.05
C GLY B 273 -3.79 -23.08 6.71
N VAL B 274 -3.88 -21.78 6.46
CA VAL B 274 -4.50 -21.31 5.23
C VAL B 274 -3.62 -20.23 4.60
N ILE B 275 -3.43 -20.34 3.29
CA ILE B 275 -2.64 -19.36 2.52
C ILE B 275 -3.64 -18.41 1.86
N ALA B 276 -3.66 -17.16 2.30
CA ALA B 276 -4.58 -16.16 1.74
C ALA B 276 -3.74 -14.98 1.26
N THR B 277 -3.58 -14.88 -0.05
CA THR B 277 -4.66 -15.08 -1.03
C THR B 277 -4.01 -15.24 -2.40
N ASN B 278 -4.68 -15.94 -3.32
CA ASN B 278 -4.17 -16.13 -4.69
C ASN B 278 -4.47 -14.88 -5.53
N THR B 279 -4.57 -15.02 -6.85
CA THR B 279 -4.76 -13.83 -7.71
C THR B 279 -6.23 -13.46 -7.82
N THR B 280 -6.53 -12.29 -8.40
CA THR B 280 -7.91 -11.79 -8.43
C THR B 280 -8.42 -11.63 -9.87
N LEU B 281 -9.72 -11.75 -10.07
CA LEU B 281 -10.31 -11.51 -11.41
C LEU B 281 -10.73 -10.04 -11.43
N ASP B 282 -10.45 -9.34 -10.33
CA ASP B 282 -10.77 -7.89 -10.24
C ASP B 282 -9.82 -7.11 -11.14
N ARG B 283 -10.30 -6.01 -11.67
CA ARG B 283 -9.46 -5.14 -12.52
C ARG B 283 -9.81 -3.69 -12.18
N SER B 284 -10.47 -3.46 -11.06
CA SER B 284 -10.96 -2.11 -10.70
C SER B 284 -9.87 -1.06 -10.51
N LEU B 285 -8.61 -1.45 -10.31
CA LEU B 285 -7.57 -0.44 -10.00
C LEU B 285 -6.61 -0.34 -11.19
N VAL B 286 -6.84 -1.14 -12.23
CA VAL B 286 -5.90 -1.16 -13.39
C VAL B 286 -6.60 -0.71 -14.67
N GLN B 287 -7.78 -0.10 -14.57
CA GLN B 287 -8.53 0.27 -15.80
C GLN B 287 -7.75 1.34 -16.58
N GLY B 288 -7.87 1.33 -17.91
CA GLY B 288 -7.18 2.32 -18.74
C GLY B 288 -5.70 2.03 -18.85
N MET B 289 -5.28 0.88 -18.34
CA MET B 289 -3.84 0.54 -18.35
C MET B 289 -3.61 -0.60 -19.35
N LYS B 290 -2.39 -0.67 -19.86
CA LYS B 290 -2.09 -1.70 -20.87
C LYS B 290 -2.27 -3.10 -20.28
N ASN B 291 -2.97 -3.96 -21.00
CA ASN B 291 -3.16 -5.37 -20.66
C ASN B 291 -4.25 -5.56 -19.60
N CYS B 292 -4.88 -4.49 -19.14
CA CYS B 292 -5.85 -4.64 -18.07
C CYS B 292 -7.01 -5.53 -18.48
N ASP B 293 -7.25 -5.64 -19.79
CA ASP B 293 -8.36 -6.44 -20.30
C ASP B 293 -7.98 -7.90 -20.52
N GLN B 294 -6.70 -8.26 -20.42
CA GLN B 294 -6.30 -9.66 -20.53
C GLN B 294 -7.02 -10.50 -19.49
N THR B 295 -7.33 -11.75 -19.85
CA THR B 295 -8.00 -12.64 -18.89
C THR B 295 -6.95 -13.28 -18.00
N GLY B 296 -7.35 -13.60 -16.77
CA GLY B 296 -6.44 -14.31 -15.88
C GLY B 296 -6.43 -13.69 -14.50
N GLY B 297 -5.39 -13.98 -13.73
CA GLY B 297 -5.30 -13.47 -12.35
C GLY B 297 -4.45 -12.23 -12.23
N LEU B 298 -4.92 -11.25 -11.47
CA LEU B 298 -4.16 -10.00 -11.24
C LEU B 298 -3.42 -10.11 -9.92
N SER B 299 -2.14 -9.78 -9.95
CA SER B 299 -1.29 -9.90 -8.76
C SER B 299 -0.54 -8.60 -8.58
N GLY B 300 0.21 -8.50 -7.50
CA GLY B 300 1.03 -7.35 -7.28
C GLY B 300 0.29 -6.25 -6.55
N ARG B 301 0.82 -5.03 -6.71
CA ARG B 301 0.27 -3.90 -5.97
C ARG B 301 -1.24 -3.75 -6.13
N PRO B 302 -1.83 -4.04 -7.30
CA PRO B 302 -3.30 -3.89 -7.43
C PRO B 302 -4.08 -4.93 -6.68
N LEU B 303 -3.42 -5.93 -6.12
CA LEU B 303 -4.07 -6.93 -5.28
C LEU B 303 -3.85 -6.68 -3.79
N GLN B 304 -2.96 -5.76 -3.44
CA GLN B 304 -2.54 -5.61 -2.05
C GLN B 304 -3.72 -5.41 -1.13
N LEU B 305 -4.52 -4.36 -1.39
CA LEU B 305 -5.58 -3.99 -0.47
C LEU B 305 -6.60 -5.10 -0.30
N LYS B 306 -7.05 -5.69 -1.39
CA LYS B 306 -8.10 -6.75 -1.32
C LYS B 306 -7.58 -7.88 -0.45
N SER B 307 -6.38 -8.36 -0.73
CA SER B 307 -5.83 -9.50 0.03
C SER B 307 -5.70 -9.12 1.50
N THR B 308 -5.37 -7.86 1.81
CA THR B 308 -5.29 -7.56 3.23
C THR B 308 -6.69 -7.62 3.85
N GLU B 309 -7.70 -7.08 3.17
CA GLU B 309 -9.07 -7.16 3.70
C GLU B 309 -9.52 -8.62 3.81
N ILE B 310 -9.18 -9.45 2.83
CA ILE B 310 -9.54 -10.87 2.94
C ILE B 310 -8.94 -11.47 4.20
N ILE B 311 -7.67 -11.19 4.48
CA ILE B 311 -6.99 -11.80 5.65
C ILE B 311 -7.62 -11.28 6.95
N ARG B 312 -7.96 -9.99 7.01
CA ARG B 312 -8.65 -9.45 8.21
C ARG B 312 -9.93 -10.25 8.45
N ARG B 313 -10.75 -10.22 7.43
N ARG B 313 -10.82 -10.26 7.47
CA ARG B 313 -12.03 -10.89 7.62
CA ARG B 313 -12.13 -10.94 7.66
C ARG B 313 -11.83 -12.36 7.99
C ARG B 313 -11.88 -12.42 7.98
N LEU B 314 -10.87 -13.03 7.34
CA LEU B 314 -10.62 -14.43 7.62
C LEU B 314 -10.11 -14.62 9.05
N SER B 315 -9.19 -13.77 9.48
CA SER B 315 -8.67 -13.82 10.84
C SER B 315 -9.79 -13.65 11.85
N LEU B 316 -10.71 -12.72 11.62
CA LEU B 316 -11.83 -12.55 12.53
C LEU B 316 -12.65 -13.83 12.64
N GLU B 317 -12.90 -14.50 11.52
CA GLU B 317 -13.61 -15.76 11.58
C GLU B 317 -12.77 -16.85 12.25
N LEU B 318 -11.50 -16.99 11.88
CA LEU B 318 -10.71 -18.10 12.39
C LEU B 318 -10.40 -17.97 13.89
N ASN B 319 -10.32 -16.73 14.38
CA ASN B 319 -10.09 -16.46 15.84
C ASN B 319 -8.94 -17.28 16.42
N GLY B 320 -7.80 -17.33 15.72
CA GLY B 320 -6.61 -18.00 16.27
C GLY B 320 -6.63 -19.52 16.18
N ARG B 321 -7.67 -20.10 15.58
CA ARG B 321 -7.78 -21.58 15.56
C ARG B 321 -6.72 -22.17 14.64
N LEU B 322 -6.38 -21.48 13.54
CA LEU B 322 -5.30 -21.95 12.70
C LEU B 322 -4.69 -20.73 12.03
N PRO B 323 -3.38 -20.78 11.68
CA PRO B 323 -2.69 -19.61 11.16
C PRO B 323 -2.90 -19.27 9.68
N ILE B 324 -2.68 -18.01 9.34
CA ILE B 324 -2.81 -17.56 7.92
C ILE B 324 -1.43 -17.19 7.39
N ILE B 325 -1.11 -17.61 6.17
CA ILE B 325 0.13 -17.15 5.50
C ILE B 325 -0.35 -16.07 4.54
N GLY B 326 0.00 -14.82 4.78
CA GLY B 326 -0.50 -13.70 3.97
C GLY B 326 0.25 -13.48 2.68
N VAL B 327 -0.46 -13.48 1.55
CA VAL B 327 0.15 -13.23 0.22
C VAL B 327 -0.78 -12.29 -0.56
N GLY B 328 -0.22 -11.32 -1.28
CA GLY B 328 -1.05 -10.34 -2.00
C GLY B 328 -0.44 -8.97 -2.10
N GLY B 329 0.34 -8.70 -3.14
CA GLY B 329 0.90 -7.36 -3.39
C GLY B 329 1.85 -6.87 -2.33
N ILE B 330 2.43 -7.75 -1.53
CA ILE B 330 3.43 -7.32 -0.52
C ILE B 330 4.66 -6.77 -1.24
N ASP B 331 4.88 -5.47 -1.17
CA ASP B 331 6.01 -4.87 -1.87
C ASP B 331 6.82 -3.94 -0.97
N SER B 332 6.70 -4.08 0.34
CA SER B 332 7.53 -3.28 1.26
C SER B 332 7.35 -3.83 2.67
N VAL B 333 8.24 -3.42 3.57
CA VAL B 333 8.13 -3.93 4.92
C VAL B 333 6.84 -3.44 5.57
N ILE B 334 6.39 -2.23 5.25
CA ILE B 334 5.11 -1.80 5.82
C ILE B 334 3.96 -2.66 5.31
N ALA B 335 3.97 -2.98 4.01
CA ALA B 335 2.88 -3.79 3.48
C ALA B 335 2.90 -5.19 4.10
N ALA B 336 4.09 -5.78 4.23
CA ALA B 336 4.22 -7.03 4.97
C ALA B 336 3.68 -6.91 6.39
N ARG B 337 3.93 -5.78 7.06
CA ARG B 337 3.47 -5.64 8.44
C ARG B 337 1.96 -5.41 8.49
N GLU B 338 1.41 -4.73 7.49
CA GLU B 338 -0.04 -4.66 7.35
C GLU B 338 -0.66 -6.06 7.33
N LYS B 339 -0.07 -7.01 6.60
CA LYS B 339 -0.63 -8.36 6.61
C LYS B 339 -0.46 -9.02 7.97
N ILE B 340 0.65 -8.76 8.67
CA ILE B 340 0.79 -9.29 10.03
C ILE B 340 -0.30 -8.72 10.90
N ALA B 341 -0.52 -7.40 10.82
CA ALA B 341 -1.53 -6.76 11.67
C ALA B 341 -2.94 -7.23 11.34
N ALA B 342 -3.20 -7.68 10.12
CA ALA B 342 -4.54 -8.18 9.80
C ALA B 342 -4.75 -9.61 10.28
N GLY B 343 -3.70 -10.28 10.76
CA GLY B 343 -3.82 -11.65 11.25
C GLY B 343 -2.84 -12.67 10.71
N ALA B 344 -2.03 -12.32 9.71
CA ALA B 344 -1.13 -13.31 9.15
C ALA B 344 -0.02 -13.64 10.14
N SER B 345 0.42 -14.91 10.14
CA SER B 345 1.60 -15.28 10.93
C SER B 345 2.87 -15.22 10.10
N LEU B 346 2.77 -15.47 8.79
CA LEU B 346 3.88 -15.44 7.86
C LEU B 346 3.46 -14.67 6.62
N VAL B 347 4.40 -14.41 5.74
CA VAL B 347 4.06 -13.72 4.50
C VAL B 347 4.86 -14.29 3.35
N GLN B 348 4.29 -14.14 2.17
CA GLN B 348 4.94 -14.64 0.94
C GLN B 348 4.88 -13.53 -0.10
N ILE B 349 5.86 -13.51 -0.99
CA ILE B 349 5.90 -12.47 -2.06
C ILE B 349 6.14 -13.18 -3.39
N TYR B 350 5.72 -12.56 -4.49
CA TYR B 350 6.03 -13.08 -5.84
C TYR B 350 6.20 -11.85 -6.73
N SER B 351 5.13 -11.09 -6.92
CA SER B 351 5.16 -9.94 -7.86
C SER B 351 6.12 -8.87 -7.36
N GLY B 352 6.17 -8.64 -6.06
CA GLY B 352 7.13 -7.68 -5.49
C GLY B 352 8.56 -8.13 -5.70
N PHE B 353 8.80 -9.43 -5.75
CA PHE B 353 10.15 -9.93 -6.06
C PHE B 353 10.46 -9.55 -7.51
N ILE B 354 9.46 -9.59 -8.38
CA ILE B 354 9.75 -9.22 -9.76
C ILE B 354 10.04 -7.72 -9.85
N PHE B 355 9.20 -6.89 -9.21
CA PHE B 355 9.31 -5.45 -9.43
C PHE B 355 10.34 -4.75 -8.56
N LYS B 356 10.74 -5.33 -7.43
CA LYS B 356 11.73 -4.71 -6.58
C LYS B 356 12.99 -5.54 -6.41
N GLY B 357 12.93 -6.83 -6.71
CA GLY B 357 14.09 -7.68 -6.75
C GLY B 357 14.49 -8.26 -5.40
N PRO B 358 15.66 -8.90 -5.38
CA PRO B 358 16.21 -9.47 -4.13
C PRO B 358 16.24 -8.49 -2.97
N PRO B 359 16.48 -7.19 -3.20
CA PRO B 359 16.54 -6.26 -2.05
C PRO B 359 15.30 -6.29 -1.20
N LEU B 360 14.14 -6.54 -1.80
CA LEU B 360 12.90 -6.63 -1.03
C LEU B 360 13.00 -7.71 0.03
N ILE B 361 13.62 -8.85 -0.31
CA ILE B 361 13.82 -9.93 0.65
C ILE B 361 14.56 -9.41 1.88
N LYS B 362 15.67 -8.72 1.65
CA LYS B 362 16.49 -8.21 2.76
C LYS B 362 15.72 -7.18 3.59
N GLU B 363 15.04 -6.25 2.92
CA GLU B 363 14.21 -5.26 3.59
C GLU B 363 13.18 -5.94 4.48
N ILE B 364 12.43 -6.89 3.93
CA ILE B 364 11.32 -7.47 4.67
C ILE B 364 11.84 -8.33 5.82
N VAL B 365 12.83 -9.19 5.57
CA VAL B 365 13.34 -10.03 6.66
C VAL B 365 13.98 -9.18 7.75
N THR B 366 14.65 -8.10 7.37
CA THR B 366 15.42 -7.34 8.34
C THR B 366 14.50 -6.54 9.27
N HIS B 367 13.37 -6.04 8.74
CA HIS B 367 12.60 -5.05 9.47
C HIS B 367 11.19 -5.47 9.81
N ILE B 368 10.72 -6.60 9.31
CA ILE B 368 9.36 -6.99 9.62
C ILE B 368 9.31 -7.19 11.13
#